data_1V4V
#
_entry.id   1V4V
#
_cell.length_a   169.728
_cell.length_b   51.448
_cell.length_c   105.506
_cell.angle_alpha   90.00
_cell.angle_beta   104.20
_cell.angle_gamma   90.00
#
_symmetry.space_group_name_H-M   'C 1 2 1'
#
loop_
_entity.id
_entity.type
_entity.pdbx_description
1 polymer 'UDP-N-Acetylglucosamine 2-Epimerase'
2 non-polymer 'ACETIC ACID'
3 non-polymer GLYCEROL
4 water water
#
_entity_poly.entity_id   1
_entity_poly.type   'polypeptide(L)'
_entity_poly.pdbx_seq_one_letter_code
;(MSE)EGG(MSE)KRVVLAFGTRPEATK(MSE)APVYLALRGIPGLKPLVLLTGQHREQLRQALSLFGIQEDRNLDV
(MSE)QERQALPDLAARILPQAARALKE(MSE)GADYVLVHGDTLTTFAVAWAAFLEGIPVGHVEAGLRSGNLKEPFPEE
ANRRLTDVLTDLDFAPTPLAKANLLKEGKREEGILVTGQTGVDAVLLAAKLGRLPEGLPEGPYVTVT(MSE)HRRENWPL
LSDLAQALKRVAEAFPHLTFVYPVHLNPVVREAVFPVLKGVRNFVLLDPLEYGS(MSE)AAL(MSE)RASLLLVTDSGGL
QEEGAALGVPVVVLRNVTERPEGLKAGILKLAGTDPEGVYRVVKGLLENPEELSR(MSE)RKAKNPYGDGKAGL(MSE)V
ARGVAWRLGLGPRPEDWLP
;
_entity_poly.pdbx_strand_id   A,B
#
loop_
_chem_comp.id
_chem_comp.type
_chem_comp.name
_chem_comp.formula
ACY non-polymer 'ACETIC ACID' 'C2 H4 O2'
GOL non-polymer GLYCEROL 'C3 H8 O3'
#
# COMPACT_ATOMS: atom_id res chain seq x y z
N GLY A 4 -8.97 -24.03 18.21
CA GLY A 4 -9.89 -23.67 17.10
C GLY A 4 -9.38 -24.16 15.77
N MSE A 5 -10.24 -24.17 14.76
CA MSE A 5 -9.86 -24.64 13.42
C MSE A 5 -9.11 -23.56 12.64
O MSE A 5 -8.19 -23.87 11.88
CB MSE A 5 -11.09 -25.11 12.64
CG MSE A 5 -11.84 -24.01 11.89
SE MSE A 5 -13.02 -22.92 12.96
CE MSE A 5 -14.68 -23.30 12.06
N LYS A 6 -9.52 -22.31 12.81
CA LYS A 6 -8.88 -21.20 12.12
C LYS A 6 -7.61 -20.77 12.86
N ARG A 7 -6.61 -20.34 12.11
CA ARG A 7 -5.37 -19.91 12.72
C ARG A 7 -5.11 -18.43 12.43
N VAL A 8 -4.80 -17.68 13.49
CA VAL A 8 -4.54 -16.25 13.36
C VAL A 8 -3.12 -15.97 13.82
N VAL A 9 -2.27 -15.55 12.89
CA VAL A 9 -0.88 -15.27 13.22
C VAL A 9 -0.65 -13.80 13.53
N LEU A 10 -0.09 -13.54 14.70
CA LEU A 10 0.25 -12.18 15.09
C LEU A 10 1.75 -12.07 14.82
N ALA A 11 2.12 -11.15 13.93
CA ALA A 11 3.52 -10.97 13.58
C ALA A 11 4.04 -9.61 14.04
N PHE A 12 5.09 -9.63 14.85
CA PHE A 12 5.69 -8.40 15.38
C PHE A 12 7.14 -8.68 15.78
N GLY A 13 7.93 -7.63 15.95
CA GLY A 13 9.33 -7.84 16.29
C GLY A 13 9.97 -6.96 17.34
N THR A 14 9.18 -6.14 18.03
CA THR A 14 9.73 -5.27 19.07
C THR A 14 8.92 -5.41 20.35
N ARG A 15 9.55 -5.08 21.47
CA ARG A 15 8.86 -5.17 22.76
C ARG A 15 7.61 -4.31 22.83
N PRO A 16 7.66 -3.06 22.34
CA PRO A 16 6.47 -2.21 22.39
C PRO A 16 5.31 -2.82 21.60
N GLU A 17 5.63 -3.47 20.48
CA GLU A 17 4.60 -4.10 19.66
C GLU A 17 4.03 -5.30 20.41
N ALA A 18 4.91 -6.10 21.01
CA ALA A 18 4.48 -7.28 21.75
C ALA A 18 3.49 -6.88 22.85
N THR A 19 3.80 -5.79 23.55
CA THR A 19 2.94 -5.30 24.62
C THR A 19 1.54 -4.97 24.14
N LYS A 20 1.44 -4.27 23.00
CA LYS A 20 0.15 -3.90 22.47
C LYS A 20 -0.60 -5.07 21.82
N MSE A 21 0.13 -6.11 21.45
CA MSE A 21 -0.49 -7.27 20.82
C MSE A 21 -0.91 -8.36 21.80
O MSE A 21 -1.84 -9.12 21.52
CB MSE A 21 0.46 -7.86 19.77
CG MSE A 21 0.63 -6.96 18.55
SE MSE A 21 -0.97 -6.76 17.49
CE MSE A 21 -0.31 -7.53 15.84
N ALA A 22 -0.24 -8.43 22.95
CA ALA A 22 -0.55 -9.43 23.97
C ALA A 22 -2.04 -9.49 24.30
N PRO A 23 -2.69 -8.33 24.50
CA PRO A 23 -4.13 -8.33 24.81
C PRO A 23 -4.97 -8.97 23.70
N VAL A 24 -4.52 -8.77 22.46
CA VAL A 24 -5.22 -9.33 21.30
C VAL A 24 -5.04 -10.85 21.29
N TYR A 25 -3.80 -11.29 21.48
CA TYR A 25 -3.49 -12.72 21.50
C TYR A 25 -4.35 -13.47 22.51
N LEU A 26 -4.41 -12.95 23.73
CA LEU A 26 -5.17 -13.59 24.79
C LEU A 26 -6.67 -13.58 24.52
N ALA A 27 -7.17 -12.50 23.93
CA ALA A 27 -8.59 -12.40 23.61
C ALA A 27 -8.97 -13.40 22.51
N LEU A 28 -8.04 -13.63 21.57
CA LEU A 28 -8.27 -14.56 20.48
C LEU A 28 -8.29 -16.00 21.00
N ARG A 29 -7.46 -16.27 21.99
CA ARG A 29 -7.37 -17.61 22.56
C ARG A 29 -8.70 -17.98 23.23
N GLY A 30 -9.49 -16.97 23.57
CA GLY A 30 -10.76 -17.21 24.21
C GLY A 30 -11.94 -17.34 23.27
N ILE A 31 -11.67 -17.30 21.97
CA ILE A 31 -12.74 -17.41 20.97
C ILE A 31 -12.76 -18.79 20.33
N PRO A 32 -13.87 -19.53 20.49
CA PRO A 32 -14.01 -20.87 19.92
C PRO A 32 -13.87 -20.89 18.40
N GLY A 33 -13.07 -21.82 17.90
CA GLY A 33 -12.87 -21.92 16.47
C GLY A 33 -11.63 -21.19 15.99
N LEU A 34 -10.98 -20.47 16.91
CA LEU A 34 -9.77 -19.72 16.57
C LEU A 34 -8.59 -20.12 17.44
N LYS A 35 -7.41 -20.06 16.85
CA LYS A 35 -6.19 -20.36 17.57
C LYS A 35 -5.16 -19.31 17.18
N PRO A 36 -4.70 -18.51 18.15
CA PRO A 36 -3.70 -17.48 17.85
C PRO A 36 -2.29 -18.06 17.84
N LEU A 37 -1.44 -17.52 16.99
CA LEU A 37 -0.05 -17.95 16.90
C LEU A 37 0.82 -16.71 16.80
N VAL A 38 2.06 -16.83 17.25
CA VAL A 38 2.98 -15.69 17.20
C VAL A 38 4.21 -15.94 16.34
N LEU A 39 4.43 -15.03 15.40
CA LEU A 39 5.59 -15.08 14.51
C LEU A 39 6.43 -13.87 14.86
N LEU A 40 7.63 -14.09 15.42
CA LEU A 40 8.51 -12.97 15.74
C LEU A 40 9.23 -12.56 14.47
N THR A 41 9.39 -11.26 14.27
CA THR A 41 10.01 -10.76 13.05
C THR A 41 11.20 -9.83 13.28
N GLY A 42 11.65 -9.72 14.53
CA GLY A 42 12.74 -8.82 14.86
C GLY A 42 14.12 -9.41 15.05
N GLN A 43 15.03 -8.58 15.59
CA GLN A 43 16.42 -8.95 15.81
C GLN A 43 16.78 -9.55 17.18
N HIS A 44 15.95 -9.33 18.18
CA HIS A 44 16.28 -9.84 19.51
C HIS A 44 15.29 -10.87 20.01
N ARG A 45 15.44 -12.10 19.53
CA ARG A 45 14.59 -13.22 19.90
C ARG A 45 14.45 -13.41 21.39
N GLU A 46 15.56 -13.62 22.07
CA GLU A 46 15.57 -13.84 23.50
C GLU A 46 14.98 -12.66 24.27
N GLN A 47 15.28 -11.45 23.81
CA GLN A 47 14.78 -10.24 24.46
C GLN A 47 13.26 -10.14 24.39
N LEU A 48 12.71 -10.36 23.19
CA LEU A 48 11.27 -10.29 22.98
C LEU A 48 10.60 -11.50 23.65
N ARG A 49 11.31 -12.60 23.67
CA ARG A 49 10.82 -13.84 24.28
C ARG A 49 10.52 -13.62 25.76
N GLN A 50 11.38 -12.84 26.42
CA GLN A 50 11.23 -12.55 27.83
C GLN A 50 10.11 -11.54 28.09
N ALA A 51 9.89 -10.65 27.12
CA ALA A 51 8.85 -9.64 27.23
C ALA A 51 7.47 -10.29 27.20
N LEU A 52 7.32 -11.30 26.33
CA LEU A 52 6.05 -12.00 26.21
C LEU A 52 5.78 -12.89 27.42
N SER A 53 6.83 -13.17 28.18
CA SER A 53 6.71 -14.02 29.37
C SER A 53 5.72 -13.47 30.39
N LEU A 54 5.78 -12.17 30.65
CA LEU A 54 4.87 -11.54 31.62
C LEU A 54 3.43 -11.88 31.31
N PHE A 55 3.07 -11.89 30.04
CA PHE A 55 1.70 -12.17 29.64
C PHE A 55 1.41 -13.65 29.43
N GLY A 56 2.41 -14.48 29.71
CA GLY A 56 2.23 -15.91 29.56
C GLY A 56 2.06 -16.33 28.10
N ILE A 57 2.87 -15.74 27.22
CA ILE A 57 2.81 -16.03 25.79
C ILE A 57 4.18 -16.50 25.29
N GLN A 58 4.16 -17.50 24.41
CA GLN A 58 5.38 -18.04 23.82
C GLN A 58 5.25 -17.86 22.31
N GLU A 59 6.37 -17.69 21.61
CA GLU A 59 6.27 -17.53 20.16
C GLU A 59 6.23 -18.91 19.52
N ASP A 60 5.69 -18.97 18.31
CA ASP A 60 5.57 -20.23 17.58
C ASP A 60 6.63 -20.35 16.50
N ARG A 61 7.09 -19.22 15.98
CA ARG A 61 8.11 -19.22 14.94
C ARG A 61 8.84 -17.89 14.91
N ASN A 62 10.05 -17.89 14.36
CA ASN A 62 10.87 -16.67 14.28
C ASN A 62 11.45 -16.53 12.89
N LEU A 63 11.53 -15.30 12.39
CA LEU A 63 12.14 -15.08 11.08
C LEU A 63 13.64 -14.94 11.33
N ASP A 64 14.45 -15.14 10.30
CA ASP A 64 15.90 -15.05 10.44
C ASP A 64 16.31 -13.65 10.03
N VAL A 65 16.63 -12.81 11.01
CA VAL A 65 17.01 -11.42 10.76
C VAL A 65 18.42 -11.09 11.23
N MSE A 66 19.17 -10.38 10.39
CA MSE A 66 20.53 -9.99 10.71
C MSE A 66 20.51 -9.02 11.90
O MSE A 66 19.52 -8.33 12.13
CB MSE A 66 21.20 -9.29 9.52
CG MSE A 66 21.17 -10.06 8.20
SE MSE A 66 22.03 -9.09 6.73
CE MSE A 66 22.19 -7.35 7.56
N GLN A 67 21.60 -8.96 12.66
CA GLN A 67 21.69 -8.06 13.80
C GLN A 67 22.22 -6.70 13.35
N GLU A 68 23.10 -6.74 12.35
CA GLU A 68 23.71 -5.54 11.82
C GLU A 68 22.73 -4.62 11.10
N ARG A 69 23.03 -3.33 11.10
CA ARG A 69 22.22 -2.32 10.44
C ARG A 69 22.19 -2.71 8.97
N GLN A 70 21.11 -2.37 8.27
CA GLN A 70 20.98 -2.75 6.86
C GLN A 70 20.13 -1.76 6.06
N ALA A 71 20.51 -1.55 4.80
CA ALA A 71 19.78 -0.63 3.92
C ALA A 71 18.33 -1.11 3.79
N LEU A 72 17.40 -0.17 3.73
CA LEU A 72 15.98 -0.53 3.66
C LEU A 72 15.59 -1.50 2.54
N PRO A 73 16.07 -1.28 1.30
CA PRO A 73 15.69 -2.23 0.24
C PRO A 73 16.16 -3.65 0.53
N ASP A 74 17.36 -3.77 1.09
CA ASP A 74 17.90 -5.10 1.41
C ASP A 74 17.13 -5.75 2.55
N LEU A 75 16.74 -4.96 3.55
CA LEU A 75 15.98 -5.52 4.66
C LEU A 75 14.65 -6.07 4.16
N ALA A 76 13.93 -5.27 3.38
CA ALA A 76 12.64 -5.72 2.85
C ALA A 76 12.80 -7.01 2.05
N ALA A 77 13.84 -7.09 1.23
CA ALA A 77 14.08 -8.26 0.42
C ALA A 77 14.39 -9.47 1.29
N ARG A 78 15.05 -9.23 2.42
CA ARG A 78 15.42 -10.30 3.35
C ARG A 78 14.18 -10.84 4.08
N ILE A 79 13.25 -9.95 4.39
CA ILE A 79 12.03 -10.33 5.10
C ILE A 79 10.95 -10.98 4.26
N LEU A 80 10.64 -10.38 3.11
CA LEU A 80 9.56 -10.85 2.27
C LEU A 80 9.40 -12.35 1.98
N PRO A 81 10.42 -13.00 1.40
CA PRO A 81 10.30 -14.44 1.10
C PRO A 81 10.10 -15.35 2.30
N GLN A 82 10.94 -15.18 3.31
CA GLN A 82 10.83 -16.03 4.49
C GLN A 82 9.55 -15.76 5.26
N ALA A 83 9.00 -14.55 5.16
CA ALA A 83 7.75 -14.24 5.85
C ALA A 83 6.60 -14.97 5.14
N ALA A 84 6.61 -14.92 3.80
CA ALA A 84 5.57 -15.58 3.02
C ALA A 84 5.57 -17.08 3.31
N ARG A 85 6.76 -17.67 3.36
CA ARG A 85 6.89 -19.09 3.62
C ARG A 85 6.44 -19.46 5.03
N ALA A 86 6.82 -18.63 6.00
CA ALA A 86 6.44 -18.87 7.38
C ALA A 86 4.92 -18.82 7.57
N LEU A 87 4.27 -17.85 6.95
CA LEU A 87 2.83 -17.72 7.10
C LEU A 87 2.09 -18.88 6.44
N LYS A 88 2.62 -19.37 5.33
CA LYS A 88 2.02 -20.47 4.60
C LYS A 88 2.22 -21.77 5.37
N GLU A 89 3.43 -21.99 5.87
CA GLU A 89 3.75 -23.21 6.62
C GLU A 89 3.03 -23.27 7.97
N MSE A 90 2.72 -22.10 8.53
CA MSE A 90 2.01 -22.03 9.80
C MSE A 90 0.51 -22.21 9.57
O MSE A 90 -0.26 -22.33 10.53
CB MSE A 90 2.26 -20.69 10.50
CG MSE A 90 3.69 -20.49 10.99
SE MSE A 90 4.03 -18.64 11.50
CE MSE A 90 3.59 -18.78 13.39
N GLY A 91 0.11 -22.23 8.31
CA GLY A 91 -1.30 -22.40 7.96
C GLY A 91 -2.20 -21.25 8.33
N ALA A 92 -1.66 -20.03 8.31
CA ALA A 92 -2.43 -18.85 8.67
C ALA A 92 -3.68 -18.59 7.84
N ASP A 93 -4.78 -18.33 8.54
CA ASP A 93 -6.06 -18.02 7.89
C ASP A 93 -6.28 -16.51 7.99
N TYR A 94 -5.48 -15.87 8.84
CA TYR A 94 -5.58 -14.43 9.03
C TYR A 94 -4.27 -13.96 9.65
N VAL A 95 -3.85 -12.76 9.30
CA VAL A 95 -2.62 -12.21 9.83
C VAL A 95 -2.86 -10.84 10.44
N LEU A 96 -2.30 -10.61 11.63
CA LEU A 96 -2.44 -9.33 12.29
C LEU A 96 -1.06 -8.69 12.43
N VAL A 97 -0.96 -7.43 12.04
CA VAL A 97 0.30 -6.72 12.17
C VAL A 97 0.01 -5.44 12.94
N HIS A 98 1.06 -4.81 13.44
CA HIS A 98 0.94 -3.60 14.21
C HIS A 98 2.11 -2.69 13.92
N GLY A 99 1.87 -1.39 13.91
CA GLY A 99 2.97 -0.49 13.68
C GLY A 99 3.21 -0.04 12.27
N ASP A 100 4.27 0.75 12.11
CA ASP A 100 4.63 1.34 10.84
C ASP A 100 6.04 1.02 10.35
N THR A 101 6.65 -0.06 10.84
CA THR A 101 7.99 -0.38 10.38
C THR A 101 8.01 -1.01 8.99
N LEU A 102 9.19 -1.03 8.38
CA LEU A 102 9.38 -1.62 7.06
C LEU A 102 9.05 -3.11 7.15
N THR A 103 9.48 -3.76 8.23
CA THR A 103 9.23 -5.18 8.40
C THR A 103 7.73 -5.46 8.46
N THR A 104 6.98 -4.59 9.14
CA THR A 104 5.55 -4.78 9.23
C THR A 104 4.90 -4.77 7.86
N PHE A 105 5.31 -3.84 7.00
CA PHE A 105 4.73 -3.82 5.66
C PHE A 105 5.16 -5.04 4.87
N ALA A 106 6.44 -5.40 4.98
CA ALA A 106 6.95 -6.55 4.26
C ALA A 106 6.16 -7.81 4.62
N VAL A 107 5.82 -7.94 5.90
CA VAL A 107 5.04 -9.09 6.35
C VAL A 107 3.62 -9.03 5.81
N ALA A 108 3.02 -7.85 5.85
CA ALA A 108 1.66 -7.68 5.34
C ALA A 108 1.62 -7.96 3.83
N TRP A 109 2.65 -7.55 3.12
CA TRP A 109 2.69 -7.79 1.67
C TRP A 109 2.87 -9.29 1.40
N ALA A 110 3.68 -9.94 2.23
CA ALA A 110 3.91 -11.38 2.08
C ALA A 110 2.59 -12.11 2.27
N ALA A 111 1.83 -11.72 3.29
CA ALA A 111 0.55 -12.33 3.57
C ALA A 111 -0.39 -12.11 2.38
N PHE A 112 -0.44 -10.89 1.89
CA PHE A 112 -1.30 -10.59 0.75
C PHE A 112 -0.93 -11.44 -0.46
N LEU A 113 0.37 -11.56 -0.74
CA LEU A 113 0.82 -12.34 -1.89
C LEU A 113 0.49 -13.83 -1.75
N GLU A 114 0.33 -14.29 -0.51
CA GLU A 114 0.01 -15.70 -0.26
C GLU A 114 -1.50 -15.87 -0.14
N GLY A 115 -2.23 -14.77 -0.36
CA GLY A 115 -3.68 -14.82 -0.30
C GLY A 115 -4.28 -14.87 1.10
N ILE A 116 -3.54 -14.41 2.10
CA ILE A 116 -4.01 -14.42 3.48
C ILE A 116 -4.48 -13.03 3.90
N PRO A 117 -5.73 -12.92 4.39
CA PRO A 117 -6.27 -11.63 4.82
C PRO A 117 -5.40 -11.04 5.92
N VAL A 118 -5.27 -9.71 5.91
CA VAL A 118 -4.43 -9.02 6.90
C VAL A 118 -5.22 -7.98 7.69
N GLY A 119 -4.94 -7.92 8.99
CA GLY A 119 -5.59 -6.95 9.85
C GLY A 119 -4.50 -6.05 10.40
N HIS A 120 -4.76 -4.75 10.49
CA HIS A 120 -3.76 -3.81 10.99
C HIS A 120 -4.23 -3.17 12.30
N VAL A 121 -3.56 -3.51 13.40
CA VAL A 121 -3.89 -2.99 14.71
C VAL A 121 -3.32 -1.58 14.93
N GLU A 122 -4.13 -0.72 15.56
CA GLU A 122 -3.78 0.67 15.84
C GLU A 122 -3.46 1.42 14.55
N ALA A 123 -4.31 1.22 13.54
CA ALA A 123 -4.15 1.84 12.23
C ALA A 123 -4.86 3.18 12.05
N GLY A 124 -4.34 4.00 11.14
CA GLY A 124 -4.97 5.28 10.85
C GLY A 124 -4.23 6.55 11.20
N LEU A 125 -3.20 6.45 12.04
CA LEU A 125 -2.44 7.65 12.40
C LEU A 125 -1.63 8.11 11.20
N ARG A 126 -1.70 9.41 10.90
CA ARG A 126 -0.99 9.96 9.76
C ARG A 126 -0.29 11.29 10.04
N SER A 127 0.77 11.56 9.28
CA SER A 127 1.53 12.79 9.40
C SER A 127 1.16 13.66 8.20
N GLY A 128 0.70 13.00 7.15
CA GLY A 128 0.33 13.70 5.93
C GLY A 128 1.56 14.09 5.12
N ASN A 129 2.72 13.55 5.50
CA ASN A 129 3.96 13.86 4.80
C ASN A 129 4.82 12.61 4.58
N LEU A 130 4.98 12.21 3.32
CA LEU A 130 5.80 11.04 3.00
C LEU A 130 7.28 11.20 3.35
N LYS A 131 7.71 12.44 3.59
CA LYS A 131 9.11 12.68 3.93
C LYS A 131 9.33 12.71 5.44
N GLU A 132 8.25 12.87 6.19
CA GLU A 132 8.34 12.92 7.65
C GLU A 132 7.08 12.40 8.33
N PRO A 133 7.17 11.25 9.01
CA PRO A 133 8.39 10.43 9.15
C PRO A 133 8.66 9.52 7.95
N PHE A 134 9.94 9.35 7.64
CA PHE A 134 10.36 8.49 6.53
C PHE A 134 11.11 7.31 7.13
N PRO A 135 10.77 6.09 6.72
CA PRO A 135 9.74 5.71 5.74
C PRO A 135 8.41 5.28 6.38
N GLU A 136 8.24 5.57 7.66
CA GLU A 136 7.05 5.18 8.40
C GLU A 136 5.69 5.59 7.85
N GLU A 137 5.56 6.84 7.40
CA GLU A 137 4.29 7.29 6.84
C GLU A 137 3.97 6.44 5.61
N ALA A 138 4.97 6.22 4.76
CA ALA A 138 4.76 5.41 3.57
C ALA A 138 4.45 3.98 3.99
N ASN A 139 5.20 3.46 4.96
CA ASN A 139 4.97 2.08 5.40
C ASN A 139 3.53 1.84 5.83
N ARG A 140 2.97 2.72 6.63
CA ARG A 140 1.61 2.52 7.09
C ARG A 140 0.56 2.68 6.00
N ARG A 141 0.79 3.62 5.07
CA ARG A 141 -0.15 3.81 3.99
C ARG A 141 -0.12 2.58 3.07
N LEU A 142 1.08 2.06 2.81
CA LEU A 142 1.22 0.87 1.96
C LEU A 142 0.53 -0.32 2.64
N THR A 143 0.80 -0.51 3.92
CA THR A 143 0.18 -1.60 4.66
C THR A 143 -1.34 -1.53 4.61
N ASP A 144 -1.90 -0.33 4.76
CA ASP A 144 -3.35 -0.19 4.74
C ASP A 144 -4.00 -0.39 3.38
N VAL A 145 -3.22 -0.30 2.32
CA VAL A 145 -3.78 -0.57 1.00
C VAL A 145 -4.18 -2.05 0.99
N LEU A 146 -3.36 -2.88 1.61
CA LEU A 146 -3.55 -4.33 1.66
C LEU A 146 -4.42 -4.89 2.77
N THR A 147 -4.78 -4.08 3.74
CA THR A 147 -5.56 -4.57 4.87
C THR A 147 -7.04 -4.89 4.65
N ASP A 148 -7.45 -6.03 5.19
CA ASP A 148 -8.82 -6.49 5.11
C ASP A 148 -9.63 -5.76 6.18
N LEU A 149 -9.04 -5.61 7.36
CA LEU A 149 -9.70 -4.92 8.47
C LEU A 149 -8.71 -4.02 9.20
N ASP A 150 -9.06 -2.75 9.32
CA ASP A 150 -8.23 -1.77 10.02
C ASP A 150 -8.86 -1.52 11.37
N PHE A 151 -8.05 -1.63 12.43
CA PHE A 151 -8.52 -1.39 13.78
C PHE A 151 -7.99 -0.01 14.18
N ALA A 152 -8.85 0.99 14.05
CA ALA A 152 -8.48 2.38 14.35
C ALA A 152 -8.63 2.69 15.84
N PRO A 153 -7.62 3.32 16.44
CA PRO A 153 -7.69 3.65 17.86
C PRO A 153 -8.67 4.79 18.17
N THR A 154 -8.86 5.68 17.20
CA THR A 154 -9.73 6.85 17.39
C THR A 154 -10.58 7.16 16.17
N PRO A 155 -11.61 8.01 16.35
CA PRO A 155 -12.48 8.41 15.24
C PRO A 155 -11.65 9.15 14.19
N LEU A 156 -10.66 9.91 14.65
CA LEU A 156 -9.78 10.65 13.76
C LEU A 156 -9.00 9.70 12.86
N ALA A 157 -8.52 8.60 13.45
CA ALA A 157 -7.76 7.61 12.69
C ALA A 157 -8.67 7.03 11.61
N LYS A 158 -9.93 6.78 11.96
CA LYS A 158 -10.89 6.23 11.02
C LYS A 158 -11.10 7.23 9.89
N ALA A 159 -11.18 8.51 10.25
CA ALA A 159 -11.38 9.56 9.26
C ALA A 159 -10.22 9.60 8.28
N ASN A 160 -9.01 9.33 8.77
CA ASN A 160 -7.83 9.32 7.90
C ASN A 160 -7.92 8.16 6.91
N LEU A 161 -8.32 6.99 7.41
CA LEU A 161 -8.44 5.80 6.57
C LEU A 161 -9.46 5.97 5.46
N LEU A 162 -10.61 6.57 5.79
CA LEU A 162 -11.65 6.79 4.80
C LEU A 162 -11.10 7.71 3.71
N LYS A 163 -10.31 8.68 4.13
CA LYS A 163 -9.70 9.65 3.23
C LYS A 163 -8.73 8.98 2.25
N GLU A 164 -8.33 7.74 2.55
CA GLU A 164 -7.41 7.02 1.68
C GLU A 164 -8.11 5.95 0.86
N GLY A 165 -9.43 6.00 0.80
CA GLY A 165 -10.18 5.04 0.02
C GLY A 165 -10.64 3.79 0.74
N LYS A 166 -10.36 3.70 2.04
CA LYS A 166 -10.78 2.55 2.82
C LYS A 166 -12.29 2.64 3.01
N ARG A 167 -12.97 1.52 2.91
CA ARG A 167 -14.42 1.48 3.07
C ARG A 167 -14.83 1.32 4.53
N GLU A 168 -16.01 1.82 4.85
CA GLU A 168 -16.56 1.75 6.21
C GLU A 168 -16.53 0.35 6.82
N GLU A 169 -17.02 -0.64 6.08
CA GLU A 169 -17.06 -2.01 6.57
C GLU A 169 -15.68 -2.55 6.89
N GLY A 170 -14.65 -1.95 6.33
CA GLY A 170 -13.29 -2.40 6.57
C GLY A 170 -12.60 -1.70 7.71
N ILE A 171 -13.34 -0.89 8.48
CA ILE A 171 -12.75 -0.16 9.60
C ILE A 171 -13.56 -0.36 10.88
N LEU A 172 -12.86 -0.61 11.98
CA LEU A 172 -13.48 -0.80 13.29
C LEU A 172 -12.74 0.10 14.28
N VAL A 173 -13.47 0.97 14.98
CA VAL A 173 -12.83 1.84 15.97
C VAL A 173 -12.79 1.02 17.26
N THR A 174 -11.58 0.73 17.73
CA THR A 174 -11.41 -0.11 18.90
C THR A 174 -10.91 0.54 20.18
N GLY A 175 -10.28 1.71 20.05
CA GLY A 175 -9.69 2.34 21.22
C GLY A 175 -8.29 1.74 21.25
N GLN A 176 -7.46 2.09 22.22
CA GLN A 176 -6.10 1.55 22.26
C GLN A 176 -5.92 0.26 23.05
N THR A 177 -5.26 -0.73 22.43
CA THR A 177 -5.02 -1.99 23.13
C THR A 177 -4.01 -1.74 24.24
N GLY A 178 -3.30 -0.62 24.16
CA GLY A 178 -2.33 -0.27 25.19
C GLY A 178 -2.98 -0.22 26.56
N VAL A 179 -4.24 0.20 26.59
CA VAL A 179 -4.97 0.27 27.86
C VAL A 179 -5.12 -1.14 28.42
N ASP A 180 -5.57 -2.07 27.59
CA ASP A 180 -5.72 -3.47 27.99
C ASP A 180 -4.40 -4.00 28.54
N ALA A 181 -3.30 -3.65 27.87
CA ALA A 181 -1.98 -4.10 28.25
C ALA A 181 -1.56 -3.71 29.66
N VAL A 182 -1.83 -2.47 30.04
CA VAL A 182 -1.47 -2.01 31.38
C VAL A 182 -2.26 -2.80 32.42
N LEU A 183 -3.57 -2.92 32.19
CA LEU A 183 -4.44 -3.66 33.10
C LEU A 183 -3.96 -5.09 33.27
N LEU A 184 -3.54 -5.71 32.17
CA LEU A 184 -3.04 -7.08 32.19
C LEU A 184 -1.71 -7.15 32.94
N ALA A 185 -0.81 -6.21 32.64
CA ALA A 185 0.49 -6.18 33.29
C ALA A 185 0.34 -5.99 34.80
N ALA A 186 -0.64 -5.18 35.20
CA ALA A 186 -0.86 -4.93 36.61
C ALA A 186 -1.34 -6.20 37.32
N LYS A 187 -2.23 -6.92 36.66
CA LYS A 187 -2.77 -8.16 37.20
C LYS A 187 -1.72 -9.27 37.32
N LEU A 188 -0.88 -9.40 36.29
CA LEU A 188 0.14 -10.43 36.26
C LEU A 188 1.42 -10.05 37.02
N GLY A 189 1.61 -8.74 37.22
CA GLY A 189 2.81 -8.29 37.89
C GLY A 189 2.77 -8.40 39.41
N ARG A 190 3.92 -8.18 40.03
CA ARG A 190 4.05 -8.23 41.47
C ARG A 190 4.72 -6.97 41.99
N LEU A 191 4.17 -6.42 43.06
CA LEU A 191 4.73 -5.21 43.64
C LEU A 191 6.14 -5.46 44.14
N PRO A 192 6.92 -4.38 44.33
CA PRO A 192 8.29 -4.49 44.83
C PRO A 192 8.24 -5.21 46.17
N GLU A 193 9.34 -5.88 46.51
CA GLU A 193 9.43 -6.62 47.76
C GLU A 193 9.71 -5.75 48.98
N GLY A 194 9.23 -6.20 50.14
CA GLY A 194 9.47 -5.51 51.39
C GLY A 194 8.88 -4.12 51.63
N LEU A 195 7.85 -3.76 50.87
CA LEU A 195 7.24 -2.45 51.07
C LEU A 195 6.49 -2.42 52.38
N PRO A 196 6.38 -1.23 53.00
CA PRO A 196 5.64 -1.12 54.26
C PRO A 196 4.16 -1.28 53.90
N GLU A 197 3.32 -1.43 54.92
CA GLU A 197 1.89 -1.55 54.68
C GLU A 197 1.39 -0.25 54.03
N GLY A 198 0.46 -0.35 53.10
CA GLY A 198 -0.07 0.83 52.43
C GLY A 198 -0.94 1.69 53.33
N PRO A 199 -1.70 2.64 52.78
CA PRO A 199 -1.83 3.00 51.36
C PRO A 199 -0.56 3.58 50.76
N TYR A 200 -0.50 3.60 49.43
CA TYR A 200 0.65 4.12 48.72
C TYR A 200 0.35 5.25 47.75
N VAL A 201 1.40 6.03 47.49
CA VAL A 201 1.36 7.10 46.50
C VAL A 201 2.60 6.79 45.68
N THR A 202 2.43 6.59 44.37
CA THR A 202 3.59 6.30 43.53
C THR A 202 4.13 7.62 42.99
N VAL A 203 5.45 7.76 43.06
CA VAL A 203 6.10 8.97 42.58
C VAL A 203 7.10 8.65 41.48
N THR A 204 7.11 9.51 40.46
CA THR A 204 8.02 9.36 39.32
C THR A 204 8.40 10.73 38.76
N MSE A 205 9.71 11.02 38.72
CA MSE A 205 10.21 12.29 38.17
C MSE A 205 11.44 12.00 37.31
O MSE A 205 12.44 11.50 37.82
CB MSE A 205 10.60 13.21 39.34
CB MSE A 205 10.64 13.31 39.21
CG MSE A 205 9.40 13.80 40.14
CG MSE A 205 9.51 13.66 40.17
SE MSE A 205 9.90 15.34 41.17
SE MSE A 205 7.83 13.99 39.24
CE MSE A 205 10.87 14.43 42.51
CE MSE A 205 8.32 15.67 38.36
N HIS A 206 11.35 12.27 36.02
CA HIS A 206 12.48 12.02 35.13
C HIS A 206 12.48 12.82 33.83
N ARG A 207 11.58 13.79 33.69
CA ARG A 207 11.54 14.61 32.48
C ARG A 207 12.85 15.39 32.48
N ARG A 208 13.64 15.22 31.44
CA ARG A 208 14.93 15.89 31.36
C ARG A 208 14.89 17.40 31.61
N GLU A 209 13.86 18.08 31.13
CA GLU A 209 13.76 19.52 31.32
C GLU A 209 13.56 19.91 32.79
N ASN A 210 12.99 18.99 33.57
CA ASN A 210 12.76 19.24 34.99
C ASN A 210 14.00 18.94 35.81
N TRP A 211 15.01 18.34 35.17
CA TRP A 211 16.28 17.99 35.84
C TRP A 211 16.72 18.97 36.91
N PRO A 212 16.96 20.24 36.53
CA PRO A 212 17.41 21.28 37.46
C PRO A 212 16.41 21.72 38.51
N LEU A 213 15.18 21.23 38.42
CA LEU A 213 14.14 21.57 39.39
C LEU A 213 13.91 20.42 40.35
N LEU A 214 14.56 19.29 40.08
CA LEU A 214 14.39 18.10 40.90
C LEU A 214 14.62 18.28 42.39
N SER A 215 15.66 19.02 42.77
CA SER A 215 15.92 19.24 44.18
C SER A 215 14.77 20.03 44.81
N ASP A 216 14.34 21.10 44.15
CA ASP A 216 13.23 21.92 44.66
C ASP A 216 11.94 21.09 44.71
N LEU A 217 11.68 20.30 43.67
CA LEU A 217 10.46 19.49 43.65
C LEU A 217 10.53 18.38 44.70
N ALA A 218 11.73 17.82 44.91
CA ALA A 218 11.88 16.77 45.91
C ALA A 218 11.55 17.33 47.29
N GLN A 219 12.00 18.56 47.56
CA GLN A 219 11.72 19.19 48.84
C GLN A 219 10.22 19.36 49.04
N ALA A 220 9.52 19.69 47.96
CA ALA A 220 8.07 19.87 48.05
C ALA A 220 7.43 18.53 48.37
N LEU A 221 7.92 17.46 47.75
CA LEU A 221 7.37 16.13 47.99
C LEU A 221 7.71 15.68 49.41
N LYS A 222 8.84 16.13 49.93
CA LYS A 222 9.23 15.79 51.30
C LYS A 222 8.21 16.42 52.24
N ARG A 223 7.80 17.66 51.94
CA ARG A 223 6.80 18.34 52.75
C ARG A 223 5.48 17.59 52.73
N VAL A 224 5.12 17.08 51.55
CA VAL A 224 3.88 16.32 51.42
C VAL A 224 3.97 15.07 52.29
N ALA A 225 5.08 14.35 52.19
CA ALA A 225 5.26 13.13 52.96
C ALA A 225 5.15 13.40 54.46
N GLU A 226 5.70 14.51 54.92
CA GLU A 226 5.63 14.84 56.34
C GLU A 226 4.20 15.15 56.77
N ALA A 227 3.39 15.66 55.84
CA ALA A 227 2.00 16.00 56.14
C ALA A 227 1.06 14.79 56.13
N PHE A 228 1.53 13.67 55.57
CA PHE A 228 0.75 12.45 55.47
C PHE A 228 1.55 11.25 55.96
N PRO A 229 1.85 11.20 57.26
CA PRO A 229 2.63 10.11 57.86
C PRO A 229 2.05 8.70 57.66
N HIS A 230 0.75 8.60 57.44
CA HIS A 230 0.14 7.28 57.26
C HIS A 230 0.22 6.75 55.85
N LEU A 231 0.73 7.55 54.92
CA LEU A 231 0.88 7.13 53.54
C LEU A 231 2.34 6.83 53.26
N THR A 232 2.58 5.89 52.35
CA THR A 232 3.95 5.56 51.98
C THR A 232 4.15 5.98 50.53
N PHE A 233 5.14 6.84 50.31
CA PHE A 233 5.44 7.34 48.97
C PHE A 233 6.54 6.49 48.35
N VAL A 234 6.20 5.79 47.28
CA VAL A 234 7.14 4.90 46.59
C VAL A 234 7.63 5.55 45.31
N TYR A 235 8.95 5.74 45.25
CA TYR A 235 9.59 6.41 44.14
C TYR A 235 10.73 5.63 43.46
N PRO A 236 10.45 5.00 42.31
CA PRO A 236 11.50 4.26 41.59
C PRO A 236 12.31 5.34 40.89
N VAL A 237 13.48 5.66 41.42
CA VAL A 237 14.32 6.71 40.84
C VAL A 237 15.17 6.27 39.65
N HIS A 238 15.13 7.04 38.57
CA HIS A 238 15.95 6.70 37.41
C HIS A 238 17.44 6.67 37.76
N LEU A 239 18.19 5.85 37.01
CA LEU A 239 19.62 5.68 37.26
C LEU A 239 20.52 6.90 36.99
N ASN A 240 20.05 7.81 36.13
CA ASN A 240 20.85 8.99 35.81
C ASN A 240 21.40 9.66 37.06
N PRO A 241 22.73 9.73 37.18
CA PRO A 241 23.38 10.35 38.35
C PRO A 241 22.88 11.76 38.62
N VAL A 242 22.57 12.50 37.56
CA VAL A 242 22.08 13.88 37.69
C VAL A 242 20.79 13.90 38.52
N VAL A 243 19.93 12.92 38.26
CA VAL A 243 18.67 12.79 38.98
C VAL A 243 18.90 12.42 40.44
N ARG A 244 19.75 11.42 40.66
CA ARG A 244 20.02 10.96 42.01
C ARG A 244 20.75 11.98 42.88
N GLU A 245 21.66 12.74 42.29
CA GLU A 245 22.37 13.74 43.06
C GLU A 245 21.39 14.78 43.58
N ALA A 246 20.31 14.97 42.84
CA ALA A 246 19.30 15.95 43.22
C ALA A 246 18.30 15.42 44.24
N VAL A 247 17.77 14.23 44.00
CA VAL A 247 16.76 13.66 44.89
C VAL A 247 17.21 12.88 46.12
N PHE A 248 18.28 12.12 46.01
CA PHE A 248 18.77 11.34 47.16
C PHE A 248 19.03 12.17 48.43
N PRO A 249 19.80 13.26 48.33
CA PRO A 249 20.05 14.06 49.54
C PRO A 249 18.80 14.61 50.23
N VAL A 250 17.73 14.77 49.46
CA VAL A 250 16.49 15.30 50.01
C VAL A 250 15.55 14.22 50.55
N LEU A 251 15.38 13.15 49.78
CA LEU A 251 14.44 12.09 50.17
C LEU A 251 14.99 10.90 50.94
N LYS A 252 16.31 10.72 50.94
CA LYS A 252 16.90 9.62 51.72
C LYS A 252 16.73 10.00 53.18
N GLY A 253 16.26 9.07 53.99
CA GLY A 253 16.09 9.38 55.40
C GLY A 253 14.69 9.87 55.72
N VAL A 254 13.85 10.08 54.71
CA VAL A 254 12.49 10.52 54.99
C VAL A 254 11.76 9.23 55.31
N ARG A 255 11.25 9.14 56.54
CA ARG A 255 10.57 7.97 57.07
C ARG A 255 9.60 7.22 56.15
N ASN A 256 8.67 7.95 55.52
CA ASN A 256 7.68 7.30 54.68
C ASN A 256 7.89 7.40 53.16
N PHE A 257 9.13 7.62 52.76
CA PHE A 257 9.47 7.64 51.35
C PHE A 257 10.33 6.39 51.12
N VAL A 258 10.02 5.66 50.07
CA VAL A 258 10.79 4.46 49.71
C VAL A 258 11.39 4.70 48.34
N LEU A 259 12.71 4.77 48.26
CA LEU A 259 13.37 4.97 46.98
C LEU A 259 13.80 3.63 46.41
N LEU A 260 13.39 3.37 45.18
CA LEU A 260 13.72 2.11 44.52
C LEU A 260 14.42 2.36 43.19
N ASP A 261 14.95 1.28 42.61
CA ASP A 261 15.59 1.37 41.31
C ASP A 261 14.45 1.19 40.31
N PRO A 262 14.65 1.58 39.05
CA PRO A 262 13.59 1.44 38.03
C PRO A 262 12.95 0.05 38.04
N LEU A 263 11.63 0.02 37.94
CA LEU A 263 10.88 -1.23 37.96
C LEU A 263 10.56 -1.74 36.56
N GLU A 264 10.22 -3.04 36.48
CA GLU A 264 9.86 -3.64 35.20
C GLU A 264 8.42 -3.26 34.92
N TYR A 265 8.02 -3.35 33.65
CA TYR A 265 6.67 -2.99 33.23
C TYR A 265 5.59 -3.52 34.19
N GLY A 266 5.58 -4.82 34.43
CA GLY A 266 4.59 -5.41 35.31
C GLY A 266 4.63 -4.96 36.76
N SER A 267 5.82 -4.90 37.34
CA SER A 267 5.95 -4.51 38.73
C SER A 267 5.49 -3.07 38.94
N MSE A 268 5.77 -2.21 37.97
CA MSE A 268 5.37 -0.81 38.06
C MSE A 268 3.85 -0.69 37.94
O MSE A 268 3.22 0.08 38.65
CB MSE A 268 6.05 0.03 36.98
CG MSE A 268 5.57 1.48 36.91
SE MSE A 268 5.84 2.48 38.55
CE MSE A 268 7.35 3.55 38.00
N ALA A 269 3.27 -1.45 37.01
CA ALA A 269 1.82 -1.41 36.82
C ALA A 269 1.12 -1.87 38.09
N ALA A 270 1.66 -2.89 38.73
CA ALA A 270 1.07 -3.42 39.96
C ALA A 270 1.16 -2.36 41.07
N LEU A 271 2.30 -1.70 41.17
CA LEU A 271 2.48 -0.66 42.19
C LEU A 271 1.47 0.46 41.98
N MSE A 272 1.34 0.93 40.75
CA MSE A 272 0.38 2.00 40.47
C MSE A 272 -1.04 1.58 40.82
O MSE A 272 -1.78 2.34 41.45
CB MSE A 272 0.45 2.41 38.99
CG MSE A 272 1.73 3.12 38.59
SE MSE A 272 1.57 3.85 36.78
CE MSE A 272 1.82 2.21 35.81
N ARG A 273 -1.41 0.37 40.41
CA ARG A 273 -2.75 -0.13 40.69
C ARG A 273 -3.04 -0.16 42.19
N ALA A 274 -2.02 -0.41 42.99
CA ALA A 274 -2.18 -0.46 44.44
C ALA A 274 -2.06 0.91 45.11
N SER A 275 -1.89 1.95 44.30
CA SER A 275 -1.71 3.30 44.84
C SER A 275 -2.98 4.16 44.78
N LEU A 276 -3.05 5.13 45.68
CA LEU A 276 -4.18 6.06 45.77
C LEU A 276 -4.01 7.19 44.77
N LEU A 277 -2.75 7.41 44.38
CA LEU A 277 -2.44 8.51 43.49
C LEU A 277 -1.07 8.33 42.86
N LEU A 278 -0.91 8.85 41.64
CA LEU A 278 0.36 8.81 40.92
C LEU A 278 0.82 10.26 40.73
N VAL A 279 2.06 10.53 41.13
CA VAL A 279 2.65 11.85 40.96
C VAL A 279 3.73 11.65 39.90
N THR A 280 3.66 12.41 38.81
CA THR A 280 4.65 12.21 37.75
C THR A 280 4.82 13.44 36.87
N ASP A 281 5.80 13.39 35.98
CA ASP A 281 6.03 14.47 35.03
C ASP A 281 6.19 13.82 33.65
N SER A 282 5.81 12.56 33.58
CA SER A 282 5.89 11.77 32.36
C SER A 282 4.54 11.55 31.71
N GLY A 283 4.44 11.85 30.41
CA GLY A 283 3.19 11.66 29.70
C GLY A 283 2.84 10.18 29.62
N GLY A 284 3.84 9.35 29.38
CA GLY A 284 3.61 7.91 29.28
C GLY A 284 3.04 7.32 30.55
N LEU A 285 3.64 7.68 31.69
CA LEU A 285 3.17 7.17 32.96
C LEU A 285 1.79 7.73 33.32
N GLN A 286 1.53 8.96 32.91
CA GLN A 286 0.23 9.56 33.19
C GLN A 286 -0.84 8.73 32.49
N GLU A 287 -0.55 8.31 31.25
CA GLU A 287 -1.50 7.51 30.51
C GLU A 287 -1.66 6.14 31.12
N GLU A 288 -0.58 5.60 31.69
CA GLU A 288 -0.67 4.29 32.33
C GLU A 288 -1.56 4.39 33.57
N GLY A 289 -1.40 5.47 34.32
CA GLY A 289 -2.23 5.64 35.51
C GLY A 289 -3.69 5.64 35.11
N ALA A 290 -4.01 6.36 34.04
CA ALA A 290 -5.38 6.45 33.56
C ALA A 290 -5.95 5.09 33.15
N ALA A 291 -5.11 4.22 32.61
CA ALA A 291 -5.57 2.89 32.20
C ALA A 291 -6.03 2.10 33.42
N LEU A 292 -5.33 2.32 34.53
CA LEU A 292 -5.63 1.62 35.78
C LEU A 292 -6.67 2.35 36.62
N GLY A 293 -7.13 3.51 36.16
CA GLY A 293 -8.11 4.26 36.92
C GLY A 293 -7.49 4.86 38.17
N VAL A 294 -6.20 5.19 38.08
CA VAL A 294 -5.49 5.78 39.20
C VAL A 294 -5.35 7.28 38.97
N PRO A 295 -5.77 8.10 39.95
CA PRO A 295 -5.68 9.56 39.81
C PRO A 295 -4.24 9.96 39.56
N VAL A 296 -4.03 10.96 38.71
CA VAL A 296 -2.68 11.39 38.42
C VAL A 296 -2.48 12.91 38.56
N VAL A 297 -1.42 13.29 39.26
CA VAL A 297 -1.07 14.69 39.41
C VAL A 297 0.21 14.88 38.60
N VAL A 298 0.19 15.84 37.68
CA VAL A 298 1.33 16.09 36.81
C VAL A 298 2.15 17.29 37.24
N LEU A 299 3.44 17.07 37.45
CA LEU A 299 4.33 18.13 37.87
C LEU A 299 4.87 18.91 36.68
N ARG A 300 3.95 19.60 36.00
CA ARG A 300 4.25 20.42 34.84
C ARG A 300 3.27 21.58 34.82
N ASN A 301 3.61 22.63 34.08
CA ASN A 301 2.74 23.78 33.99
C ASN A 301 1.70 23.61 32.88
N VAL A 302 2.00 22.72 31.94
CA VAL A 302 1.10 22.45 30.83
C VAL A 302 1.17 20.97 30.44
N THR A 303 0.11 20.46 29.82
CA THR A 303 0.06 19.06 29.40
C THR A 303 0.53 18.89 27.96
N GLU A 304 1.10 17.72 27.67
CA GLU A 304 1.58 17.38 26.34
C GLU A 304 0.45 16.77 25.52
N ARG A 305 -0.74 16.80 26.09
CA ARG A 305 -1.94 16.25 25.45
C ARG A 305 -3.18 16.76 26.17
N PRO A 306 -4.07 17.45 25.45
CA PRO A 306 -5.30 17.99 26.05
C PRO A 306 -6.37 16.95 26.41
N GLU A 307 -6.35 15.79 25.77
CA GLU A 307 -7.34 14.76 26.04
C GLU A 307 -7.46 14.44 27.53
N GLY A 308 -6.33 14.10 28.14
CA GLY A 308 -6.32 13.75 29.56
C GLY A 308 -6.88 14.82 30.47
N LEU A 309 -6.40 16.05 30.33
CA LEU A 309 -6.88 17.16 31.14
C LEU A 309 -8.38 17.34 30.92
N LYS A 310 -8.78 17.32 29.65
CA LYS A 310 -10.19 17.48 29.29
C LYS A 310 -11.06 16.38 29.90
N ALA A 311 -10.54 15.15 29.88
CA ALA A 311 -11.30 14.01 30.42
C ALA A 311 -11.36 14.02 31.95
N GLY A 312 -10.48 14.78 32.58
CA GLY A 312 -10.49 14.85 34.04
C GLY A 312 -9.79 13.67 34.70
N ILE A 313 -8.81 13.09 34.02
CA ILE A 313 -8.08 11.95 34.54
C ILE A 313 -6.78 12.38 35.20
N LEU A 314 -6.42 13.65 35.04
CA LEU A 314 -5.20 14.17 35.63
C LEU A 314 -5.40 15.60 36.10
N LYS A 315 -4.52 16.04 36.99
CA LYS A 315 -4.57 17.40 37.50
C LYS A 315 -3.17 17.98 37.39
N LEU A 316 -3.06 19.22 36.93
CA LEU A 316 -1.76 19.85 36.81
C LEU A 316 -1.38 20.48 38.14
N ALA A 317 -0.13 20.31 38.55
CA ALA A 317 0.33 20.87 39.80
C ALA A 317 1.36 21.98 39.57
N GLY A 318 1.80 22.12 38.33
CA GLY A 318 2.80 23.13 38.02
C GLY A 318 4.17 22.66 38.50
N THR A 319 5.18 23.52 38.43
CA THR A 319 6.51 23.17 38.89
C THR A 319 7.01 24.07 40.02
N ASP A 320 6.15 24.96 40.50
CA ASP A 320 6.53 25.81 41.62
C ASP A 320 6.37 24.97 42.89
N PRO A 321 7.44 24.83 43.68
CA PRO A 321 7.43 24.04 44.92
C PRO A 321 6.26 24.28 45.88
N GLU A 322 5.97 25.53 46.20
CA GLU A 322 4.85 25.81 47.10
C GLU A 322 3.54 25.34 46.46
N GLY A 323 3.39 25.60 45.17
CA GLY A 323 2.19 25.19 44.47
C GLY A 323 2.02 23.68 44.41
N VAL A 324 3.12 22.96 44.20
CA VAL A 324 3.06 21.50 44.13
C VAL A 324 2.59 20.96 45.47
N TYR A 325 3.13 21.51 46.55
CA TYR A 325 2.74 21.08 47.89
C TYR A 325 1.24 21.33 48.10
N ARG A 326 0.78 22.54 47.77
CA ARG A 326 -0.62 22.88 47.95
C ARG A 326 -1.56 21.98 47.16
N VAL A 327 -1.23 21.74 45.89
CA VAL A 327 -2.07 20.91 45.04
C VAL A 327 -2.11 19.44 45.49
N VAL A 328 -0.95 18.87 45.75
CA VAL A 328 -0.91 17.47 46.16
C VAL A 328 -1.56 17.27 47.53
N LYS A 329 -1.26 18.16 48.47
CA LYS A 329 -1.86 18.04 49.80
C LYS A 329 -3.38 18.21 49.69
N GLY A 330 -3.81 19.19 48.91
CA GLY A 330 -5.23 19.43 48.75
C GLY A 330 -5.96 18.24 48.15
N LEU A 331 -5.36 17.61 47.14
CA LEU A 331 -5.97 16.46 46.49
C LEU A 331 -6.04 15.25 47.43
N LEU A 332 -4.96 15.00 48.17
CA LEU A 332 -4.94 13.87 49.10
C LEU A 332 -5.98 14.04 50.21
N GLU A 333 -6.40 15.28 50.45
CA GLU A 333 -7.40 15.54 51.48
C GLU A 333 -8.79 15.80 50.87
N ASN A 334 -8.95 15.41 49.61
CA ASN A 334 -10.23 15.59 48.89
C ASN A 334 -10.59 14.23 48.28
N PRO A 335 -11.13 13.31 49.10
CA PRO A 335 -11.49 11.99 48.57
C PRO A 335 -12.47 12.05 47.40
N GLU A 336 -13.35 13.05 47.39
CA GLU A 336 -14.32 13.17 46.31
C GLU A 336 -13.63 13.47 44.98
N GLU A 337 -12.63 14.35 45.00
CA GLU A 337 -11.93 14.69 43.77
C GLU A 337 -11.15 13.49 43.26
N LEU A 338 -10.51 12.76 44.18
CA LEU A 338 -9.76 11.57 43.79
C LEU A 338 -10.73 10.56 43.16
N SER A 339 -11.90 10.41 43.77
CA SER A 339 -12.91 9.48 43.27
C SER A 339 -13.39 9.85 41.87
N ARG A 340 -13.62 11.14 41.64
CA ARG A 340 -14.07 11.61 40.32
C ARG A 340 -13.04 11.28 39.25
N MSE A 341 -11.77 11.36 39.62
CA MSE A 341 -10.71 11.07 38.67
C MSE A 341 -10.69 9.57 38.36
O MSE A 341 -10.51 9.17 37.22
CB MSE A 341 -9.38 11.58 39.23
CG MSE A 341 -9.47 13.07 39.61
SE MSE A 341 -7.84 13.86 40.27
CE MSE A 341 -6.78 13.26 38.76
N ARG A 342 -10.91 8.73 39.38
CA ARG A 342 -10.92 7.29 39.17
C ARG A 342 -12.11 6.85 38.34
N LYS A 343 -13.20 7.60 38.42
CA LYS A 343 -14.42 7.27 37.68
C LYS A 343 -14.52 7.92 36.30
N ALA A 344 -13.57 8.81 35.98
CA ALA A 344 -13.59 9.49 34.70
C ALA A 344 -13.42 8.51 33.55
N LYS A 345 -14.13 8.76 32.45
CA LYS A 345 -14.04 7.90 31.28
C LYS A 345 -12.65 8.04 30.67
N ASN A 346 -11.98 6.92 30.44
CA ASN A 346 -10.65 6.94 29.84
C ASN A 346 -10.81 7.35 28.37
N PRO A 347 -10.21 8.49 27.98
CA PRO A 347 -10.31 8.98 26.60
C PRO A 347 -9.48 8.20 25.58
N TYR A 348 -8.75 7.19 26.05
CA TYR A 348 -7.90 6.39 25.16
C TYR A 348 -8.49 5.03 24.82
N GLY A 349 -9.31 4.48 25.71
CA GLY A 349 -9.90 3.18 25.46
C GLY A 349 -10.53 2.65 26.73
N ASP A 350 -11.43 1.67 26.60
CA ASP A 350 -12.11 1.10 27.76
C ASP A 350 -11.44 -0.16 28.34
N GLY A 351 -10.22 -0.44 27.91
CA GLY A 351 -9.51 -1.61 28.43
C GLY A 351 -9.87 -2.92 27.76
N LYS A 352 -10.78 -2.87 26.79
CA LYS A 352 -11.20 -4.07 26.09
C LYS A 352 -11.01 -3.99 24.57
N ALA A 353 -10.05 -3.19 24.13
CA ALA A 353 -9.76 -3.03 22.71
C ALA A 353 -9.32 -4.36 22.11
N GLY A 354 -8.57 -5.12 22.90
CA GLY A 354 -8.08 -6.41 22.45
C GLY A 354 -9.21 -7.35 22.12
N LEU A 355 -10.25 -7.33 22.94
CA LEU A 355 -11.39 -8.20 22.72
C LEU A 355 -12.12 -7.79 21.44
N MSE A 356 -12.19 -6.49 21.18
CA MSE A 356 -12.84 -6.00 19.97
C MSE A 356 -12.06 -6.38 18.72
O MSE A 356 -12.65 -6.75 17.71
CB MSE A 356 -13.03 -4.49 20.03
CG MSE A 356 -14.22 -4.05 20.87
SE MSE A 356 -14.52 -2.15 20.76
CE MSE A 356 -14.53 -2.03 18.82
N VAL A 357 -10.74 -6.31 18.80
CA VAL A 357 -9.90 -6.69 17.66
C VAL A 357 -10.13 -8.17 17.40
N ALA A 358 -10.10 -8.97 18.46
CA ALA A 358 -10.30 -10.41 18.36
C ALA A 358 -11.66 -10.74 17.75
N ARG A 359 -12.69 -10.03 18.20
CA ARG A 359 -14.04 -10.26 17.68
C ARG A 359 -14.15 -9.78 16.24
N GLY A 360 -13.36 -8.76 15.90
CA GLY A 360 -13.38 -8.25 14.54
C GLY A 360 -12.85 -9.31 13.59
N VAL A 361 -11.79 -10.01 14.02
CA VAL A 361 -11.18 -11.07 13.23
C VAL A 361 -12.15 -12.26 13.11
N ALA A 362 -12.74 -12.65 14.23
CA ALA A 362 -13.69 -13.76 14.25
C ALA A 362 -14.82 -13.48 13.25
N TRP A 363 -15.26 -12.23 13.21
CA TRP A 363 -16.32 -11.80 12.30
C TRP A 363 -15.90 -11.98 10.84
N ARG A 364 -14.66 -11.58 10.53
CA ARG A 364 -14.15 -11.71 9.17
C ARG A 364 -14.04 -13.17 8.78
N LEU A 365 -13.75 -14.02 9.76
CA LEU A 365 -13.61 -15.45 9.52
C LEU A 365 -14.94 -16.19 9.64
N GLY A 366 -16.02 -15.42 9.79
CA GLY A 366 -17.35 -16.00 9.92
C GLY A 366 -17.59 -16.83 11.18
N LEU A 367 -17.00 -16.40 12.29
CA LEU A 367 -17.15 -17.11 13.55
C LEU A 367 -17.82 -16.23 14.60
N GLY A 368 -18.61 -15.27 14.16
CA GLY A 368 -19.28 -14.37 15.09
C GLY A 368 -19.72 -13.08 14.43
N PRO A 369 -20.53 -12.27 15.14
CA PRO A 369 -21.02 -10.98 14.62
C PRO A 369 -20.00 -9.85 14.76
N ARG A 370 -20.22 -8.76 14.03
CA ARG A 370 -19.33 -7.61 14.08
C ARG A 370 -19.50 -6.86 15.40
N PRO A 371 -18.41 -6.70 16.16
CA PRO A 371 -18.49 -5.98 17.44
C PRO A 371 -18.83 -4.52 17.19
N GLU A 372 -19.34 -3.84 18.21
CA GLU A 372 -19.68 -2.44 18.09
C GLU A 372 -18.43 -1.61 18.34
N ASP A 373 -18.33 -0.46 17.67
CA ASP A 373 -17.18 0.43 17.82
C ASP A 373 -17.10 1.06 19.20
N TRP A 374 -15.88 1.26 19.68
CA TRP A 374 -15.64 1.91 20.96
C TRP A 374 -16.05 3.37 20.76
N LEU A 375 -16.69 3.95 21.77
CA LEU A 375 -17.12 5.33 21.67
C LEU A 375 -16.33 6.23 22.62
N PRO A 376 -15.77 7.33 22.09
CA PRO A 376 -15.00 8.25 22.94
C PRO A 376 -15.95 9.13 23.75
N MSE B 5 22.72 18.38 -16.12
CA MSE B 5 21.72 17.57 -16.86
C MSE B 5 20.97 16.65 -15.88
O MSE B 5 21.61 15.89 -15.15
CB MSE B 5 22.43 16.72 -17.92
CG MSE B 5 21.49 16.13 -18.97
SE MSE B 5 21.13 17.39 -20.38
CE MSE B 5 21.58 16.27 -21.89
N LYS B 6 19.65 16.72 -15.88
CA LYS B 6 18.85 15.87 -14.99
C LYS B 6 18.61 14.55 -15.73
N ARG B 7 18.66 13.44 -15.00
CA ARG B 7 18.47 12.13 -15.59
C ARG B 7 17.14 11.52 -15.20
N VAL B 8 16.36 11.14 -16.21
CA VAL B 8 15.05 10.54 -16.00
C VAL B 8 15.08 9.09 -16.44
N VAL B 9 14.94 8.18 -15.49
CA VAL B 9 14.96 6.77 -15.81
C VAL B 9 13.57 6.18 -16.00
N LEU B 10 13.34 5.60 -17.18
CA LEU B 10 12.08 4.93 -17.47
C LEU B 10 12.37 3.46 -17.23
N ALA B 11 11.64 2.84 -16.30
CA ALA B 11 11.87 1.44 -15.98
C ALA B 11 10.66 0.59 -16.34
N PHE B 12 10.87 -0.41 -17.17
CA PHE B 12 9.78 -1.30 -17.58
C PHE B 12 10.33 -2.64 -18.05
N GLY B 13 9.47 -3.65 -18.12
CA GLY B 13 9.95 -4.96 -18.52
C GLY B 13 9.20 -5.77 -19.56
N THR B 14 8.09 -5.24 -20.10
CA THR B 14 7.35 -5.98 -21.11
C THR B 14 7.27 -5.17 -22.39
N ARG B 15 7.02 -5.84 -23.50
CA ARG B 15 6.90 -5.15 -24.78
C ARG B 15 5.74 -4.14 -24.80
N PRO B 16 4.59 -4.52 -24.22
CA PRO B 16 3.48 -3.55 -24.23
C PRO B 16 3.86 -2.28 -23.48
N GLU B 17 4.59 -2.44 -22.38
CA GLU B 17 5.03 -1.31 -21.56
C GLU B 17 6.03 -0.49 -22.35
N ALA B 18 6.91 -1.16 -23.07
CA ALA B 18 7.91 -0.50 -23.89
C ALA B 18 7.27 0.39 -24.93
N THR B 19 6.25 -0.13 -25.62
CA THR B 19 5.60 0.66 -26.64
C THR B 19 4.89 1.88 -26.08
N LYS B 20 4.28 1.73 -24.90
CA LYS B 20 3.57 2.84 -24.27
C LYS B 20 4.54 3.87 -23.69
N MSE B 21 5.75 3.45 -23.38
CA MSE B 21 6.74 4.37 -22.82
C MSE B 21 7.60 5.04 -23.88
O MSE B 21 8.19 6.10 -23.63
CB MSE B 21 7.63 3.63 -21.81
CG MSE B 21 6.91 3.22 -20.54
SE MSE B 21 6.35 4.75 -19.48
CE MSE B 21 7.50 4.46 -17.93
N ALA B 22 7.68 4.45 -25.07
CA ALA B 22 8.50 5.00 -26.13
C ALA B 22 8.20 6.47 -26.43
N PRO B 23 6.90 6.84 -26.54
CA PRO B 23 6.58 8.24 -26.83
C PRO B 23 7.05 9.17 -25.71
N VAL B 24 7.06 8.65 -24.49
CA VAL B 24 7.50 9.45 -23.35
C VAL B 24 9.00 9.68 -23.46
N TYR B 25 9.74 8.61 -23.76
CA TYR B 25 11.18 8.69 -23.93
C TYR B 25 11.52 9.71 -25.02
N LEU B 26 10.83 9.59 -26.15
CA LEU B 26 11.11 10.49 -27.28
C LEU B 26 10.83 11.96 -26.96
N ALA B 27 9.78 12.23 -26.20
CA ALA B 27 9.45 13.61 -25.83
C ALA B 27 10.46 14.15 -24.83
N LEU B 28 10.93 13.30 -23.92
CA LEU B 28 11.91 13.73 -22.93
C LEU B 28 13.21 14.13 -23.61
N ARG B 29 13.59 13.38 -24.65
CA ARG B 29 14.82 13.67 -25.36
C ARG B 29 14.77 15.08 -25.97
N GLY B 30 13.56 15.55 -26.27
CA GLY B 30 13.40 16.87 -26.85
C GLY B 30 13.36 18.02 -25.86
N ILE B 31 13.58 17.73 -24.58
CA ILE B 31 13.56 18.78 -23.56
C ILE B 31 14.96 19.10 -23.06
N PRO B 32 15.40 20.37 -23.23
CA PRO B 32 16.74 20.75 -22.77
C PRO B 32 16.91 20.57 -21.27
N GLY B 33 18.08 20.11 -20.85
CA GLY B 33 18.33 19.92 -19.43
C GLY B 33 17.94 18.56 -18.89
N LEU B 34 17.25 17.77 -19.71
CA LEU B 34 16.80 16.44 -19.31
C LEU B 34 17.40 15.37 -20.21
N LYS B 35 17.69 14.21 -19.63
CA LYS B 35 18.23 13.10 -20.39
C LYS B 35 17.47 11.84 -19.99
N PRO B 36 16.74 11.23 -20.93
CA PRO B 36 15.99 10.02 -20.58
C PRO B 36 16.91 8.80 -20.66
N LEU B 37 16.66 7.84 -19.77
CA LEU B 37 17.45 6.61 -19.72
C LEU B 37 16.47 5.46 -19.57
N VAL B 38 16.83 4.29 -20.07
CA VAL B 38 15.94 3.14 -19.98
C VAL B 38 16.57 2.01 -19.16
N LEU B 39 15.82 1.56 -18.15
CA LEU B 39 16.25 0.44 -17.32
C LEU B 39 15.28 -0.70 -17.62
N LEU B 40 15.76 -1.77 -18.22
CA LEU B 40 14.88 -2.91 -18.50
C LEU B 40 14.80 -3.73 -17.23
N THR B 41 13.60 -4.20 -16.90
CA THR B 41 13.38 -4.94 -15.66
C THR B 41 12.75 -6.30 -15.84
N GLY B 42 12.56 -6.70 -17.09
CA GLY B 42 11.92 -7.98 -17.37
C GLY B 42 12.83 -9.11 -17.81
N GLN B 43 12.18 -10.08 -18.44
N GLN B 43 12.25 -10.21 -18.27
CA GLN B 43 12.83 -11.25 -19.01
CA GLN B 43 13.04 -11.40 -18.61
C GLN B 43 12.85 -10.92 -20.51
C GLN B 43 13.59 -11.62 -20.01
N HIS B 44 13.54 -11.73 -21.29
N HIS B 44 12.95 -11.10 -21.04
CA HIS B 44 13.61 -11.56 -22.74
CA HIS B 44 13.43 -11.31 -22.40
C HIS B 44 14.18 -10.23 -23.23
C HIS B 44 14.08 -10.02 -22.92
N ARG B 45 15.41 -9.95 -22.83
CA ARG B 45 16.11 -8.74 -23.27
C ARG B 45 16.07 -8.54 -24.78
N GLU B 46 16.26 -9.61 -25.55
CA GLU B 46 16.23 -9.49 -27.00
C GLU B 46 14.87 -9.02 -27.52
N GLN B 47 13.79 -9.53 -26.92
CA GLN B 47 12.45 -9.12 -27.34
C GLN B 47 12.22 -7.64 -27.06
N LEU B 48 12.65 -7.19 -25.88
CA LEU B 48 12.48 -5.79 -25.51
C LEU B 48 13.30 -4.88 -26.41
N ARG B 49 14.55 -5.24 -26.66
CA ARG B 49 15.41 -4.44 -27.51
C ARG B 49 14.79 -4.36 -28.90
N GLN B 50 14.23 -5.46 -29.36
CA GLN B 50 13.59 -5.51 -30.67
C GLN B 50 12.39 -4.54 -30.68
N ALA B 51 11.59 -4.59 -29.63
CA ALA B 51 10.43 -3.70 -29.53
C ALA B 51 10.86 -2.24 -29.52
N LEU B 52 11.88 -1.93 -28.73
CA LEU B 52 12.40 -0.56 -28.62
C LEU B 52 13.08 -0.09 -29.90
N SER B 53 13.68 -1.03 -30.63
CA SER B 53 14.38 -0.69 -31.88
C SER B 53 13.44 -0.06 -32.91
N LEU B 54 12.16 -0.38 -32.85
CA LEU B 54 11.21 0.19 -33.79
C LEU B 54 11.25 1.71 -33.66
N PHE B 55 11.41 2.19 -32.44
CA PHE B 55 11.46 3.61 -32.15
C PHE B 55 12.88 4.19 -32.10
N GLY B 56 13.86 3.36 -32.43
CA GLY B 56 15.25 3.80 -32.43
C GLY B 56 15.80 3.97 -31.02
N ILE B 57 15.23 3.22 -30.08
CA ILE B 57 15.65 3.32 -28.69
C ILE B 57 16.42 2.09 -28.19
N GLN B 58 17.51 2.33 -27.46
CA GLN B 58 18.30 1.25 -26.87
C GLN B 58 18.29 1.47 -25.36
N GLU B 59 18.37 0.39 -24.59
CA GLU B 59 18.37 0.54 -23.15
C GLU B 59 19.74 0.96 -22.61
N ASP B 60 19.75 1.42 -21.37
CA ASP B 60 20.97 1.86 -20.72
C ASP B 60 21.46 0.85 -19.70
N ARG B 61 20.52 0.09 -19.16
CA ARG B 61 20.83 -0.91 -18.14
C ARG B 61 19.74 -1.96 -18.08
N ASN B 62 20.10 -3.16 -17.59
CA ASN B 62 19.15 -4.28 -17.48
C ASN B 62 19.27 -4.92 -16.09
N LEU B 63 18.14 -5.30 -15.50
CA LEU B 63 18.21 -5.98 -14.21
C LEU B 63 18.41 -7.45 -14.52
N ASP B 64 18.82 -8.21 -13.51
CA ASP B 64 19.04 -9.65 -13.68
C ASP B 64 17.82 -10.39 -13.13
N VAL B 65 17.03 -10.97 -14.03
CA VAL B 65 15.83 -11.70 -13.64
C VAL B 65 15.73 -13.08 -14.28
N MSE B 66 14.99 -13.99 -13.63
CA MSE B 66 14.82 -15.36 -14.15
C MSE B 66 13.91 -15.37 -15.36
O MSE B 66 12.97 -14.59 -15.46
CB MSE B 66 14.25 -16.26 -13.04
CG MSE B 66 15.32 -16.74 -12.06
SE MSE B 66 14.58 -17.58 -10.48
CE MSE B 66 14.62 -19.43 -11.02
N GLN B 67 14.20 -16.29 -16.28
CA GLN B 67 13.44 -16.41 -17.53
C GLN B 67 12.10 -17.13 -17.44
N GLU B 68 11.82 -17.77 -16.30
CA GLU B 68 10.55 -18.49 -16.14
C GLU B 68 9.77 -17.90 -14.97
N ARG B 69 8.67 -18.56 -14.62
CA ARG B 69 7.85 -18.10 -13.51
C ARG B 69 8.56 -18.30 -12.19
N GLN B 70 8.45 -17.31 -11.31
CA GLN B 70 9.06 -17.34 -10.00
C GLN B 70 7.97 -16.96 -9.02
N ALA B 71 8.03 -17.47 -7.79
CA ALA B 71 7.01 -17.14 -6.79
C ALA B 71 7.04 -15.62 -6.60
N LEU B 72 5.87 -15.00 -6.50
CA LEU B 72 5.80 -13.54 -6.33
C LEU B 72 6.69 -12.95 -5.24
N PRO B 73 6.69 -13.55 -4.03
CA PRO B 73 7.55 -12.98 -2.97
C PRO B 73 9.03 -13.00 -3.36
N ASP B 74 9.43 -14.07 -4.04
CA ASP B 74 10.82 -14.21 -4.47
C ASP B 74 11.17 -13.22 -5.57
N LEU B 75 10.22 -12.99 -6.48
CA LEU B 75 10.43 -12.05 -7.57
C LEU B 75 10.62 -10.64 -7.00
N ALA B 76 9.72 -10.22 -6.12
CA ALA B 76 9.81 -8.90 -5.51
C ALA B 76 11.14 -8.74 -4.78
N ALA B 77 11.54 -9.76 -4.03
CA ALA B 77 12.80 -9.71 -3.29
C ALA B 77 14.01 -9.63 -4.22
N ARG B 78 13.89 -10.23 -5.40
CA ARG B 78 15.00 -10.20 -6.36
C ARG B 78 15.10 -8.84 -7.02
N ILE B 79 13.95 -8.21 -7.29
CA ILE B 79 13.94 -6.90 -7.96
C ILE B 79 14.35 -5.72 -7.08
N LEU B 80 13.82 -5.66 -5.87
CA LEU B 80 14.06 -4.55 -4.95
C LEU B 80 15.50 -4.06 -4.77
N PRO B 81 16.39 -4.94 -4.27
CA PRO B 81 17.78 -4.52 -4.07
C PRO B 81 18.46 -4.09 -5.36
N GLN B 82 18.30 -4.91 -6.41
CA GLN B 82 18.87 -4.64 -7.74
C GLN B 82 18.46 -3.27 -8.25
N ALA B 83 17.15 -3.02 -8.16
CA ALA B 83 16.57 -1.78 -8.63
C ALA B 83 17.12 -0.59 -7.88
N ALA B 84 17.21 -0.70 -6.55
CA ALA B 84 17.72 0.42 -5.76
C ALA B 84 19.15 0.74 -6.18
N ARG B 85 19.98 -0.29 -6.35
CA ARG B 85 21.36 -0.07 -6.76
C ARG B 85 21.42 0.51 -8.16
N ALA B 86 20.64 -0.04 -9.08
CA ALA B 86 20.65 0.45 -10.45
C ALA B 86 20.25 1.91 -10.55
N LEU B 87 19.19 2.30 -9.84
CA LEU B 87 18.73 3.68 -9.91
C LEU B 87 19.73 4.68 -9.33
N LYS B 88 20.41 4.29 -8.26
CA LYS B 88 21.41 5.19 -7.67
C LYS B 88 22.64 5.29 -8.57
N GLU B 89 23.08 4.15 -9.10
CA GLU B 89 24.27 4.12 -9.97
C GLU B 89 24.02 4.84 -11.30
N MSE B 90 22.77 4.85 -11.75
CA MSE B 90 22.42 5.53 -13.00
C MSE B 90 22.31 7.04 -12.78
O MSE B 90 22.24 7.80 -13.75
CB MSE B 90 21.09 5.00 -13.54
CG MSE B 90 21.19 3.60 -14.11
SE MSE B 90 19.45 2.82 -14.46
CE MSE B 90 19.22 3.38 -16.31
N GLY B 91 22.30 7.45 -11.51
CA GLY B 91 22.19 8.85 -11.18
C GLY B 91 20.80 9.42 -11.45
N ALA B 92 19.78 8.61 -11.22
CA ALA B 92 18.40 9.06 -11.47
C ALA B 92 17.96 10.22 -10.60
N ASP B 93 17.35 11.21 -11.24
CA ASP B 93 16.81 12.39 -10.56
C ASP B 93 15.30 12.22 -10.51
N TYR B 94 14.79 11.33 -11.35
CA TYR B 94 13.36 11.06 -11.42
C TYR B 94 13.20 9.69 -12.08
N VAL B 95 12.16 8.95 -11.65
CA VAL B 95 11.90 7.64 -12.20
C VAL B 95 10.47 7.54 -12.68
N LEU B 96 10.29 6.96 -13.86
CA LEU B 96 8.94 6.77 -14.38
C LEU B 96 8.67 5.29 -14.51
N VAL B 97 7.52 4.85 -14.01
CA VAL B 97 7.15 3.44 -14.13
C VAL B 97 5.79 3.41 -14.80
N HIS B 98 5.43 2.25 -15.33
CA HIS B 98 4.16 2.13 -16.02
C HIS B 98 3.44 0.84 -15.67
N GLY B 99 2.12 0.91 -15.64
CA GLY B 99 1.35 -0.30 -15.39
C GLY B 99 1.18 -0.76 -13.97
N ASP B 100 0.81 -2.03 -13.85
CA ASP B 100 0.51 -2.60 -12.56
C ASP B 100 1.17 -3.95 -12.26
N THR B 101 2.37 -4.19 -12.79
CA THR B 101 3.05 -5.45 -12.51
C THR B 101 3.73 -5.38 -11.14
N LEU B 102 4.05 -6.54 -10.58
CA LEU B 102 4.71 -6.63 -9.29
C LEU B 102 6.07 -5.94 -9.42
N THR B 103 6.70 -6.16 -10.56
CA THR B 103 8.01 -5.58 -10.83
C THR B 103 7.94 -4.06 -10.80
N THR B 104 6.86 -3.51 -11.35
CA THR B 104 6.67 -2.07 -11.36
C THR B 104 6.58 -1.48 -9.96
N PHE B 105 5.86 -2.14 -9.06
CA PHE B 105 5.78 -1.61 -7.70
C PHE B 105 7.14 -1.73 -7.02
N ALA B 106 7.80 -2.86 -7.22
CA ALA B 106 9.09 -3.09 -6.60
C ALA B 106 10.09 -2.01 -7.00
N VAL B 107 10.06 -1.60 -8.27
CA VAL B 107 10.96 -0.56 -8.73
C VAL B 107 10.58 0.79 -8.11
N ALA B 108 9.28 1.08 -8.06
CA ALA B 108 8.79 2.34 -7.49
C ALA B 108 9.18 2.42 -6.00
N TRP B 109 9.07 1.29 -5.30
CA TRP B 109 9.39 1.27 -3.89
C TRP B 109 10.90 1.46 -3.71
N ALA B 110 11.70 0.85 -4.57
CA ALA B 110 13.15 0.99 -4.50
C ALA B 110 13.50 2.47 -4.64
N ALA B 111 12.90 3.12 -5.64
CA ALA B 111 13.16 4.53 -5.88
C ALA B 111 12.78 5.35 -4.64
N PHE B 112 11.58 5.11 -4.12
CA PHE B 112 11.12 5.84 -2.94
C PHE B 112 12.05 5.66 -1.74
N LEU B 113 12.50 4.43 -1.52
CA LEU B 113 13.40 4.16 -0.40
C LEU B 113 14.74 4.86 -0.59
N GLU B 114 15.09 5.16 -1.84
CA GLU B 114 16.34 5.86 -2.15
C GLU B 114 16.14 7.36 -2.29
N GLY B 115 14.92 7.82 -2.04
CA GLY B 115 14.62 9.24 -2.11
C GLY B 115 14.54 9.82 -3.51
N ILE B 116 14.25 8.96 -4.49
CA ILE B 116 14.14 9.42 -5.88
C ILE B 116 12.65 9.55 -6.22
N PRO B 117 12.20 10.75 -6.64
CA PRO B 117 10.76 10.88 -6.97
C PRO B 117 10.31 9.98 -8.10
N VAL B 118 9.07 9.49 -7.99
CA VAL B 118 8.50 8.58 -8.95
C VAL B 118 7.24 9.10 -9.63
N GLY B 119 7.17 8.89 -10.95
CA GLY B 119 6.00 9.31 -11.71
C GLY B 119 5.38 8.01 -12.20
N HIS B 120 4.06 7.92 -12.21
CA HIS B 120 3.39 6.69 -12.63
C HIS B 120 2.53 6.96 -13.87
N VAL B 121 2.92 6.37 -15.00
CA VAL B 121 2.20 6.55 -16.25
C VAL B 121 1.01 5.60 -16.33
N GLU B 122 -0.10 6.12 -16.84
CA GLU B 122 -1.33 5.36 -16.99
C GLU B 122 -1.80 4.91 -15.61
N ALA B 123 -1.86 5.87 -14.69
CA ALA B 123 -2.28 5.60 -13.32
C ALA B 123 -3.73 5.99 -13.05
N GLY B 124 -4.29 5.44 -11.98
CA GLY B 124 -5.65 5.78 -11.61
C GLY B 124 -6.71 4.74 -11.90
N LEU B 125 -6.40 3.77 -12.75
CA LEU B 125 -7.35 2.73 -13.08
C LEU B 125 -7.57 1.84 -11.87
N ARG B 126 -8.84 1.56 -11.56
CA ARG B 126 -9.18 0.75 -10.40
C ARG B 126 -10.33 -0.20 -10.68
N SER B 127 -10.32 -1.33 -9.99
CA SER B 127 -11.37 -2.34 -10.12
C SER B 127 -12.22 -2.26 -8.85
N GLY B 128 -11.61 -1.77 -7.78
CA GLY B 128 -12.32 -1.67 -6.51
C GLY B 128 -12.33 -2.99 -5.78
N ASN B 129 -11.55 -3.96 -6.26
CA ASN B 129 -11.48 -5.27 -5.64
C ASN B 129 -10.03 -5.74 -5.60
N LEU B 130 -9.46 -5.88 -4.41
CA LEU B 130 -8.08 -6.33 -4.26
C LEU B 130 -7.88 -7.78 -4.70
N LYS B 131 -8.97 -8.52 -4.80
CA LYS B 131 -8.89 -9.92 -5.22
C LYS B 131 -9.01 -10.09 -6.72
N GLU B 132 -9.27 -9.00 -7.43
CA GLU B 132 -9.42 -9.06 -8.88
C GLU B 132 -9.27 -7.71 -9.57
N PRO B 133 -8.24 -7.55 -10.41
CA PRO B 133 -7.23 -8.57 -10.72
C PRO B 133 -6.16 -8.70 -9.65
N PHE B 134 -5.74 -9.94 -9.38
CA PHE B 134 -4.72 -10.22 -8.39
C PHE B 134 -3.42 -10.62 -9.08
N PRO B 135 -2.29 -10.00 -8.71
CA PRO B 135 -2.10 -8.95 -7.70
C PRO B 135 -2.02 -7.55 -8.29
N GLU B 136 -2.47 -7.39 -9.54
CA GLU B 136 -2.42 -6.11 -10.23
C GLU B 136 -3.12 -4.94 -9.55
N GLU B 137 -4.33 -5.15 -9.05
CA GLU B 137 -5.07 -4.06 -8.39
C GLU B 137 -4.25 -3.54 -7.20
N ALA B 138 -3.70 -4.45 -6.41
CA ALA B 138 -2.89 -4.06 -5.26
C ALA B 138 -1.62 -3.36 -5.74
N ASN B 139 -0.97 -3.92 -6.77
CA ASN B 139 0.26 -3.33 -7.30
C ASN B 139 0.09 -1.87 -7.68
N ARG B 140 -0.97 -1.56 -8.41
CA ARG B 140 -1.14 -0.16 -8.82
C ARG B 140 -1.50 0.75 -7.66
N ARG B 141 -2.28 0.24 -6.70
CA ARG B 141 -2.63 1.07 -5.55
C ARG B 141 -1.40 1.34 -4.70
N LEU B 142 -0.58 0.32 -4.48
CA LEU B 142 0.65 0.47 -3.69
C LEU B 142 1.58 1.46 -4.38
N THR B 143 1.73 1.31 -5.69
CA THR B 143 2.59 2.21 -6.43
C THR B 143 2.14 3.66 -6.28
N ASP B 144 0.83 3.90 -6.36
CA ASP B 144 0.34 5.26 -6.25
C ASP B 144 0.49 5.91 -4.88
N VAL B 145 0.66 5.11 -3.84
CA VAL B 145 0.89 5.67 -2.51
C VAL B 145 2.21 6.46 -2.56
N LEU B 146 3.18 5.91 -3.28
CA LEU B 146 4.53 6.47 -3.37
C LEU B 146 4.79 7.46 -4.50
N THR B 147 3.84 7.66 -5.39
CA THR B 147 4.07 8.52 -6.54
C THR B 147 4.08 10.03 -6.31
N ASP B 148 5.06 10.68 -6.93
CA ASP B 148 5.21 12.13 -6.86
C ASP B 148 4.22 12.75 -7.85
N LEU B 149 4.12 12.15 -9.03
CA LEU B 149 3.19 12.66 -10.04
C LEU B 149 2.49 11.50 -10.73
N ASP B 150 1.16 11.54 -10.70
CA ASP B 150 0.35 10.50 -11.32
C ASP B 150 -0.13 11.00 -12.68
N PHE B 151 0.13 10.22 -13.72
CA PHE B 151 -0.31 10.58 -15.05
C PHE B 151 -1.53 9.75 -15.36
N ALA B 152 -2.69 10.34 -15.13
CA ALA B 152 -3.96 9.66 -15.35
C ALA B 152 -4.40 9.75 -16.81
N PRO B 153 -4.79 8.62 -17.41
CA PRO B 153 -5.22 8.66 -18.81
C PRO B 153 -6.61 9.26 -19.01
N THR B 154 -7.40 9.31 -17.93
CA THR B 154 -8.75 9.84 -18.02
C THR B 154 -9.22 10.60 -16.79
N PRO B 155 -10.32 11.35 -16.92
CA PRO B 155 -10.86 12.13 -15.80
C PRO B 155 -11.28 11.16 -14.68
N LEU B 156 -11.80 10.00 -15.08
CA LEU B 156 -12.22 9.00 -14.10
C LEU B 156 -11.02 8.52 -13.28
N ALA B 157 -9.90 8.31 -13.96
CA ALA B 157 -8.70 7.87 -13.28
C ALA B 157 -8.30 8.91 -12.25
N LYS B 158 -8.43 10.18 -12.60
CA LYS B 158 -8.10 11.26 -11.67
C LYS B 158 -9.02 11.21 -10.46
N ALA B 159 -10.30 10.99 -10.69
CA ALA B 159 -11.28 10.91 -9.60
C ALA B 159 -10.91 9.80 -8.62
N ASN B 160 -10.52 8.64 -9.16
CA ASN B 160 -10.11 7.50 -8.35
C ASN B 160 -8.95 7.88 -7.43
N LEU B 161 -7.92 8.50 -8.02
CA LEU B 161 -6.75 8.91 -7.26
C LEU B 161 -7.12 9.90 -6.17
N LEU B 162 -8.03 10.82 -6.47
CA LEU B 162 -8.45 11.82 -5.49
C LEU B 162 -9.15 11.18 -4.29
N LYS B 163 -9.75 10.01 -4.50
CA LYS B 163 -10.45 9.32 -3.42
C LYS B 163 -9.47 8.49 -2.60
N GLU B 164 -8.25 8.34 -3.09
CA GLU B 164 -7.24 7.56 -2.38
C GLU B 164 -6.25 8.45 -1.64
N GLY B 165 -6.57 9.74 -1.56
CA GLY B 165 -5.71 10.68 -0.85
C GLY B 165 -4.70 11.45 -1.67
N LYS B 166 -4.67 11.23 -2.97
CA LYS B 166 -3.72 11.93 -3.83
C LYS B 166 -4.14 13.39 -4.02
N ARG B 167 -3.17 14.30 -3.97
CA ARG B 167 -3.42 15.73 -4.13
C ARG B 167 -3.61 16.09 -5.61
N GLU B 168 -4.52 17.00 -5.89
CA GLU B 168 -4.78 17.41 -7.27
C GLU B 168 -3.52 17.94 -7.95
N GLU B 169 -2.66 18.64 -7.22
CA GLU B 169 -1.44 19.18 -7.80
C GLU B 169 -0.51 18.06 -8.25
N GLY B 170 -0.72 16.86 -7.71
CA GLY B 170 0.13 15.74 -8.08
C GLY B 170 -0.50 14.81 -9.10
N ILE B 171 -1.54 15.29 -9.78
CA ILE B 171 -2.21 14.49 -10.77
C ILE B 171 -2.32 15.28 -12.06
N LEU B 172 -1.97 14.65 -13.17
CA LEU B 172 -2.07 15.28 -14.48
C LEU B 172 -2.83 14.34 -15.40
N VAL B 173 -3.92 14.81 -16.01
CA VAL B 173 -4.68 13.97 -16.94
C VAL B 173 -4.00 14.16 -18.28
N THR B 174 -3.50 13.07 -18.85
CA THR B 174 -2.75 13.11 -20.10
C THR B 174 -3.36 12.44 -21.33
N GLY B 175 -4.31 11.53 -21.12
CA GLY B 175 -4.84 10.78 -22.26
C GLY B 175 -3.90 9.59 -22.35
N GLN B 176 -4.13 8.65 -23.27
CA GLN B 176 -3.28 7.46 -23.39
C GLN B 176 -2.04 7.61 -24.28
N THR B 177 -0.88 7.28 -23.73
CA THR B 177 0.36 7.35 -24.52
C THR B 177 0.30 6.26 -25.57
N GLY B 178 -0.58 5.29 -25.37
CA GLY B 178 -0.74 4.20 -26.34
C GLY B 178 -1.21 4.77 -27.68
N VAL B 179 -1.92 5.89 -27.62
CA VAL B 179 -2.39 6.54 -28.85
C VAL B 179 -1.17 7.07 -29.62
N ASP B 180 -0.30 7.81 -28.92
CA ASP B 180 0.91 8.35 -29.53
C ASP B 180 1.70 7.20 -30.17
N ALA B 181 1.86 6.14 -29.38
CA ALA B 181 2.64 4.97 -29.78
C ALA B 181 2.19 4.28 -31.05
N VAL B 182 0.89 4.03 -31.19
CA VAL B 182 0.41 3.34 -32.38
C VAL B 182 0.45 4.24 -33.61
N LEU B 183 0.22 5.54 -33.42
CA LEU B 183 0.26 6.48 -34.52
C LEU B 183 1.67 6.54 -35.10
N LEU B 184 2.67 6.54 -34.21
CA LEU B 184 4.06 6.58 -34.65
C LEU B 184 4.47 5.23 -35.21
N ALA B 185 4.07 4.15 -34.54
CA ALA B 185 4.41 2.81 -35.00
C ALA B 185 3.84 2.51 -36.38
N ALA B 186 2.67 3.08 -36.69
CA ALA B 186 2.05 2.85 -37.98
C ALA B 186 2.95 3.40 -39.09
N LYS B 187 3.66 4.48 -38.80
CA LYS B 187 4.56 5.11 -39.76
C LYS B 187 5.90 4.39 -39.83
N LEU B 188 6.38 3.92 -38.68
CA LEU B 188 7.65 3.22 -38.59
C LEU B 188 7.59 1.79 -39.07
N GLY B 189 6.51 1.09 -38.73
CA GLY B 189 6.38 -0.30 -39.10
C GLY B 189 6.37 -0.57 -40.58
N ARG B 190 6.65 -1.82 -40.93
CA ARG B 190 6.66 -2.24 -42.32
C ARG B 190 5.63 -3.34 -42.50
N LEU B 191 4.86 -3.24 -43.58
CA LEU B 191 3.83 -4.23 -43.88
C LEU B 191 4.45 -5.61 -44.06
N PRO B 192 3.64 -6.67 -43.89
CA PRO B 192 4.16 -8.03 -44.06
C PRO B 192 4.59 -8.15 -45.52
N GLU B 193 5.66 -8.89 -45.78
CA GLU B 193 6.14 -9.04 -47.16
C GLU B 193 5.42 -10.12 -47.95
N GLY B 194 5.29 -9.90 -49.26
CA GLY B 194 4.63 -10.87 -50.11
C GLY B 194 3.14 -10.63 -50.30
N LEU B 195 2.57 -9.71 -49.52
CA LEU B 195 1.14 -9.41 -49.60
C LEU B 195 0.74 -8.89 -50.97
N PRO B 196 -0.48 -9.23 -51.42
CA PRO B 196 -1.00 -8.79 -52.72
C PRO B 196 -1.33 -7.31 -52.64
N GLU B 197 -1.86 -6.75 -53.73
CA GLU B 197 -2.23 -5.34 -53.73
C GLU B 197 -3.52 -5.12 -52.94
N GLY B 198 -3.70 -3.89 -52.46
CA GLY B 198 -4.89 -3.57 -51.68
C GLY B 198 -6.07 -3.14 -52.55
N PRO B 199 -7.15 -2.60 -51.95
CA PRO B 199 -7.36 -2.37 -50.52
C PRO B 199 -7.26 -3.62 -49.64
N TYR B 200 -7.09 -3.40 -48.34
CA TYR B 200 -6.97 -4.51 -47.39
C TYR B 200 -8.03 -4.47 -46.29
N VAL B 201 -8.25 -5.63 -45.69
CA VAL B 201 -9.17 -5.80 -44.59
C VAL B 201 -8.43 -6.68 -43.60
N THR B 202 -8.10 -6.13 -42.44
CA THR B 202 -7.36 -6.88 -41.43
C THR B 202 -8.31 -7.65 -40.52
N VAL B 203 -8.01 -8.92 -40.32
CA VAL B 203 -8.82 -9.78 -39.47
C VAL B 203 -7.95 -10.45 -38.41
N THR B 204 -8.41 -10.43 -37.16
CA THR B 204 -7.67 -11.03 -36.06
C THR B 204 -8.60 -11.47 -34.93
N MSE B 205 -8.90 -12.76 -34.88
CA MSE B 205 -9.75 -13.31 -33.85
C MSE B 205 -8.86 -13.92 -32.76
O MSE B 205 -8.68 -15.13 -32.69
CB MSE B 205 -10.68 -14.39 -34.43
CG MSE B 205 -11.50 -13.90 -35.62
SE MSE B 205 -12.58 -15.29 -36.44
CE MSE B 205 -13.86 -14.19 -37.37
N HIS B 206 -8.30 -13.04 -31.93
CA HIS B 206 -7.39 -13.45 -30.86
C HIS B 206 -8.02 -14.06 -29.62
N ARG B 207 -9.08 -13.44 -29.11
CA ARG B 207 -9.75 -13.93 -27.91
C ARG B 207 -9.97 -15.44 -27.88
N ARG B 208 -9.57 -16.04 -26.76
CA ARG B 208 -9.69 -17.48 -26.55
C ARG B 208 -11.10 -17.86 -26.14
N GLU B 209 -12.00 -16.88 -26.13
CA GLU B 209 -13.40 -17.10 -25.77
C GLU B 209 -14.11 -17.99 -26.79
N ASN B 210 -14.23 -17.47 -28.00
CA ASN B 210 -14.90 -18.17 -29.09
C ASN B 210 -14.10 -19.35 -29.62
N TRP B 211 -13.77 -20.30 -28.75
CA TRP B 211 -13.02 -21.48 -29.16
C TRP B 211 -13.85 -22.29 -30.16
N PRO B 212 -15.12 -22.60 -29.81
CA PRO B 212 -15.99 -23.37 -30.71
C PRO B 212 -16.45 -22.57 -31.92
N LEU B 213 -16.96 -21.36 -31.68
CA LEU B 213 -17.46 -20.50 -32.75
C LEU B 213 -16.38 -20.11 -33.75
N LEU B 214 -15.12 -20.25 -33.35
CA LEU B 214 -14.00 -19.91 -34.22
C LEU B 214 -14.17 -20.48 -35.62
N SER B 215 -14.67 -21.72 -35.70
CA SER B 215 -14.87 -22.39 -36.98
C SER B 215 -15.97 -21.70 -37.79
N ASP B 216 -17.12 -21.49 -37.15
CA ASP B 216 -18.25 -20.84 -37.81
C ASP B 216 -17.85 -19.46 -38.31
N LEU B 217 -17.16 -18.71 -37.46
CA LEU B 217 -16.70 -17.37 -37.81
C LEU B 217 -15.83 -17.42 -39.06
N ALA B 218 -14.96 -18.43 -39.13
CA ALA B 218 -14.09 -18.60 -40.28
C ALA B 218 -14.92 -18.86 -41.54
N GLN B 219 -16.01 -19.60 -41.37
CA GLN B 219 -16.89 -19.93 -42.48
C GLN B 219 -17.53 -18.66 -43.01
N ALA B 220 -17.88 -17.75 -42.10
CA ALA B 220 -18.50 -16.48 -42.47
C ALA B 220 -17.48 -15.60 -43.19
N LEU B 221 -16.25 -15.58 -42.69
CA LEU B 221 -15.19 -14.78 -43.29
C LEU B 221 -14.94 -15.21 -44.73
N LYS B 222 -15.06 -16.51 -44.99
CA LYS B 222 -14.83 -17.04 -46.32
C LYS B 222 -15.89 -16.52 -47.30
N ARG B 223 -17.14 -16.54 -46.84
CA ARG B 223 -18.26 -16.09 -47.67
C ARG B 223 -18.24 -14.58 -47.94
N VAL B 224 -17.74 -13.80 -46.98
CA VAL B 224 -17.67 -12.35 -47.18
C VAL B 224 -16.54 -12.04 -48.15
N ALA B 225 -15.48 -12.85 -48.09
CA ALA B 225 -14.34 -12.66 -48.97
C ALA B 225 -14.79 -12.91 -50.42
N GLU B 226 -15.77 -13.80 -50.57
CA GLU B 226 -16.29 -14.13 -51.90
C GLU B 226 -17.20 -12.99 -52.36
N ALA B 227 -17.82 -12.31 -51.41
CA ALA B 227 -18.70 -11.19 -51.72
C ALA B 227 -17.88 -9.97 -52.11
N PHE B 228 -16.59 -10.04 -51.84
CA PHE B 228 -15.67 -8.94 -52.14
C PHE B 228 -14.36 -9.50 -52.71
N PRO B 229 -14.39 -9.92 -53.98
CA PRO B 229 -13.23 -10.49 -54.67
C PRO B 229 -12.12 -9.47 -54.94
N HIS B 230 -12.49 -8.19 -54.97
CA HIS B 230 -11.52 -7.13 -55.23
C HIS B 230 -10.88 -6.59 -53.96
N LEU B 231 -11.07 -7.31 -52.85
CA LEU B 231 -10.50 -6.92 -51.57
C LEU B 231 -9.65 -8.06 -51.01
N THR B 232 -8.50 -7.72 -50.44
CA THR B 232 -7.61 -8.71 -49.87
C THR B 232 -7.76 -8.75 -48.35
N PHE B 233 -8.04 -9.93 -47.81
CA PHE B 233 -8.20 -10.09 -46.38
C PHE B 233 -6.96 -10.73 -45.77
N VAL B 234 -6.25 -9.95 -44.95
CA VAL B 234 -5.05 -10.42 -44.29
C VAL B 234 -5.41 -10.87 -42.87
N TYR B 235 -5.03 -12.10 -42.53
CA TYR B 235 -5.36 -12.65 -41.23
C TYR B 235 -4.21 -13.39 -40.56
N PRO B 236 -3.55 -12.75 -39.58
CA PRO B 236 -2.43 -13.35 -38.86
C PRO B 236 -2.95 -14.29 -37.76
N VAL B 237 -2.84 -15.60 -37.99
CA VAL B 237 -3.30 -16.59 -37.02
C VAL B 237 -2.23 -16.84 -35.95
N HIS B 238 -2.67 -17.10 -34.72
CA HIS B 238 -1.77 -17.33 -33.61
C HIS B 238 -1.08 -18.70 -33.62
N LEU B 239 -0.92 -19.27 -34.81
CA LEU B 239 -0.28 -20.58 -34.97
C LEU B 239 -0.58 -21.53 -33.81
N ASN B 240 -1.78 -21.42 -33.26
CA ASN B 240 -2.21 -22.26 -32.15
C ASN B 240 -2.89 -23.51 -32.68
N PRO B 241 -2.54 -24.69 -32.14
CA PRO B 241 -3.14 -25.96 -32.57
C PRO B 241 -4.66 -25.90 -32.67
N VAL B 242 -5.30 -25.43 -31.61
CA VAL B 242 -6.76 -25.32 -31.55
C VAL B 242 -7.29 -24.29 -32.54
N VAL B 243 -6.55 -23.20 -32.72
CA VAL B 243 -6.96 -22.13 -33.63
C VAL B 243 -6.72 -22.55 -35.08
N ARG B 244 -5.45 -22.77 -35.43
CA ARG B 244 -5.06 -23.17 -36.78
C ARG B 244 -5.98 -24.26 -37.31
N GLU B 245 -6.05 -25.37 -36.57
CA GLU B 245 -6.86 -26.52 -36.94
C GLU B 245 -8.33 -26.16 -37.18
N ALA B 246 -8.74 -24.97 -36.74
CA ALA B 246 -10.12 -24.54 -36.89
C ALA B 246 -10.34 -23.53 -38.00
N VAL B 247 -9.32 -22.71 -38.29
CA VAL B 247 -9.46 -21.69 -39.33
C VAL B 247 -8.83 -22.04 -40.66
N PHE B 248 -7.60 -22.56 -40.65
CA PHE B 248 -6.90 -22.91 -41.88
C PHE B 248 -7.69 -23.86 -42.79
N PRO B 249 -8.24 -24.95 -42.23
CA PRO B 249 -9.00 -25.89 -43.06
C PRO B 249 -10.19 -25.21 -43.74
N VAL B 250 -10.44 -23.96 -43.38
CA VAL B 250 -11.55 -23.20 -43.94
C VAL B 250 -11.12 -22.05 -44.84
N LEU B 251 -10.05 -21.36 -44.46
CA LEU B 251 -9.57 -20.21 -45.23
C LEU B 251 -8.37 -20.49 -46.15
N LYS B 252 -7.63 -21.54 -45.86
CA LYS B 252 -6.46 -21.89 -46.66
C LYS B 252 -6.69 -21.83 -48.18
N GLY B 253 -7.83 -22.33 -48.62
CA GLY B 253 -8.12 -22.34 -50.04
C GLY B 253 -8.63 -21.04 -50.63
N VAL B 254 -9.02 -20.10 -49.79
CA VAL B 254 -9.54 -18.81 -50.24
C VAL B 254 -8.43 -17.97 -50.86
N ARG B 255 -8.43 -17.83 -52.18
CA ARG B 255 -7.40 -17.06 -52.87
C ARG B 255 -7.47 -15.60 -52.44
N ASN B 256 -8.64 -15.18 -51.97
CA ASN B 256 -8.86 -13.82 -51.54
C ASN B 256 -8.31 -13.57 -50.14
N PHE B 257 -8.06 -14.66 -49.41
CA PHE B 257 -7.53 -14.56 -48.05
C PHE B 257 -6.02 -14.77 -48.00
N VAL B 258 -5.39 -14.12 -47.04
CA VAL B 258 -3.95 -14.24 -46.84
C VAL B 258 -3.71 -14.57 -45.37
N LEU B 259 -3.29 -15.80 -45.11
CA LEU B 259 -3.02 -16.25 -43.75
C LEU B 259 -1.56 -16.04 -43.38
N LEU B 260 -1.33 -15.34 -42.28
CA LEU B 260 0.02 -15.06 -41.80
C LEU B 260 0.17 -15.45 -40.35
N ASP B 261 1.42 -15.53 -39.88
CA ASP B 261 1.68 -15.85 -38.49
C ASP B 261 1.62 -14.54 -37.73
N PRO B 262 1.57 -14.59 -36.38
CA PRO B 262 1.51 -13.38 -35.56
C PRO B 262 2.49 -12.30 -36.03
N LEU B 263 2.05 -11.05 -35.98
CA LEU B 263 2.88 -9.92 -36.40
C LEU B 263 3.39 -9.11 -35.21
N GLU B 264 4.49 -8.40 -35.42
CA GLU B 264 5.08 -7.56 -34.38
C GLU B 264 4.27 -6.27 -34.31
N TYR B 265 4.41 -5.54 -33.22
CA TYR B 265 3.68 -4.28 -33.02
C TYR B 265 3.74 -3.34 -34.22
N GLY B 266 4.96 -3.05 -34.67
CA GLY B 266 5.12 -2.14 -35.80
C GLY B 266 4.46 -2.62 -37.08
N SER B 267 4.64 -3.89 -37.41
CA SER B 267 4.05 -4.44 -38.62
C SER B 267 2.52 -4.44 -38.57
N MSE B 268 1.98 -4.83 -37.42
CA MSE B 268 0.53 -4.87 -37.25
C MSE B 268 -0.05 -3.45 -37.33
O MSE B 268 -1.14 -3.26 -37.86
CB MSE B 268 0.17 -5.51 -35.91
CG MSE B 268 -1.33 -5.51 -35.61
SE MSE B 268 -2.36 -6.38 -37.02
CE MSE B 268 -4.07 -6.43 -36.13
N ALA B 269 0.68 -2.48 -36.79
CA ALA B 269 0.22 -1.10 -36.84
C ALA B 269 0.17 -0.62 -38.29
N ALA B 270 1.22 -0.95 -39.05
CA ALA B 270 1.29 -0.55 -40.45
C ALA B 270 0.17 -1.22 -41.26
N LEU B 271 -0.07 -2.49 -41.00
CA LEU B 271 -1.12 -3.23 -41.69
C LEU B 271 -2.48 -2.59 -41.43
N MSE B 272 -2.78 -2.34 -40.15
CA MSE B 272 -4.05 -1.72 -39.81
C MSE B 272 -4.18 -0.37 -40.49
O MSE B 272 -5.23 -0.02 -41.02
CB MSE B 272 -4.16 -1.54 -38.30
CG MSE B 272 -4.10 -2.82 -37.51
SE MSE B 272 -4.62 -2.53 -35.68
CE MSE B 272 -2.95 -1.84 -34.98
N ARG B 273 -3.09 0.40 -40.48
CA ARG B 273 -3.07 1.71 -41.10
C ARG B 273 -3.39 1.61 -42.60
N ALA B 274 -2.89 0.57 -43.24
CA ALA B 274 -3.11 0.38 -44.68
C ALA B 274 -4.39 -0.40 -44.97
N SER B 275 -5.26 -0.54 -43.97
CA SER B 275 -6.51 -1.27 -44.15
C SER B 275 -7.75 -0.39 -44.19
N LEU B 276 -8.78 -0.90 -44.85
CA LEU B 276 -10.04 -0.19 -44.98
C LEU B 276 -10.92 -0.49 -43.77
N LEU B 277 -10.67 -1.62 -43.13
CA LEU B 277 -11.44 -2.04 -41.97
C LEU B 277 -10.72 -3.11 -41.18
N LEU B 278 -11.02 -3.18 -39.89
CA LEU B 278 -10.42 -4.17 -39.01
C LEU B 278 -11.51 -5.04 -38.37
N VAL B 279 -11.37 -6.35 -38.53
CA VAL B 279 -12.33 -7.30 -37.96
C VAL B 279 -11.57 -8.02 -36.85
N THR B 280 -12.02 -7.85 -35.60
CA THR B 280 -11.34 -8.49 -34.48
C THR B 280 -12.25 -8.79 -33.30
N ASP B 281 -11.67 -9.43 -32.29
CA ASP B 281 -12.38 -9.78 -31.07
C ASP B 281 -11.48 -9.42 -29.89
N SER B 282 -10.52 -8.52 -30.15
CA SER B 282 -9.59 -8.07 -29.12
C SER B 282 -9.83 -6.61 -28.76
N GLY B 283 -9.92 -6.34 -27.46
CA GLY B 283 -10.15 -4.99 -27.01
C GLY B 283 -8.96 -4.09 -27.26
N GLY B 284 -7.76 -4.66 -27.15
CA GLY B 284 -6.55 -3.89 -27.36
C GLY B 284 -6.44 -3.37 -28.78
N LEU B 285 -6.62 -4.27 -29.74
CA LEU B 285 -6.53 -3.91 -31.16
C LEU B 285 -7.68 -3.00 -31.61
N GLN B 286 -8.70 -2.85 -30.78
CA GLN B 286 -9.83 -2.01 -31.13
C GLN B 286 -9.50 -0.55 -30.80
N GLU B 287 -8.73 -0.35 -29.73
CA GLU B 287 -8.35 0.99 -29.32
C GLU B 287 -7.28 1.55 -30.24
N GLU B 288 -6.42 0.66 -30.74
CA GLU B 288 -5.38 1.07 -31.67
C GLU B 288 -6.06 1.51 -32.96
N GLY B 289 -7.12 0.81 -33.34
CA GLY B 289 -7.85 1.15 -34.54
C GLY B 289 -8.43 2.55 -34.42
N ALA B 290 -8.90 2.87 -33.22
CA ALA B 290 -9.48 4.18 -32.93
C ALA B 290 -8.46 5.30 -33.11
N ALA B 291 -7.24 5.06 -32.63
CA ALA B 291 -6.19 6.05 -32.73
C ALA B 291 -5.79 6.25 -34.18
N LEU B 292 -5.77 5.17 -34.95
CA LEU B 292 -5.40 5.20 -36.35
C LEU B 292 -6.53 5.68 -37.25
N GLY B 293 -7.73 5.79 -36.69
CA GLY B 293 -8.87 6.22 -37.48
C GLY B 293 -9.33 5.14 -38.43
N VAL B 294 -9.06 3.89 -38.05
CA VAL B 294 -9.45 2.75 -38.86
C VAL B 294 -10.70 2.12 -38.27
N PRO B 295 -11.76 1.95 -39.10
CA PRO B 295 -13.01 1.35 -38.63
C PRO B 295 -12.77 -0.05 -38.06
N VAL B 296 -13.46 -0.38 -36.98
CA VAL B 296 -13.30 -1.68 -36.35
C VAL B 296 -14.66 -2.34 -36.11
N VAL B 297 -14.71 -3.65 -36.37
CA VAL B 297 -15.93 -4.42 -36.16
C VAL B 297 -15.65 -5.51 -35.14
N VAL B 298 -16.19 -5.34 -33.94
CA VAL B 298 -15.97 -6.29 -32.86
C VAL B 298 -16.90 -7.49 -32.97
N LEU B 299 -16.35 -8.69 -32.81
CA LEU B 299 -17.13 -9.91 -32.89
C LEU B 299 -17.73 -10.23 -31.53
N ARG B 300 -18.41 -9.24 -30.95
CA ARG B 300 -19.04 -9.40 -29.64
C ARG B 300 -20.43 -8.77 -29.69
N ASN B 301 -21.03 -8.57 -28.52
CA ASN B 301 -22.36 -7.97 -28.45
C ASN B 301 -22.59 -7.19 -27.16
N VAL B 302 -21.55 -7.05 -26.35
CA VAL B 302 -21.66 -6.32 -25.09
C VAL B 302 -20.31 -6.25 -24.36
N THR B 303 -20.30 -5.57 -23.23
CA THR B 303 -19.09 -5.41 -22.41
C THR B 303 -18.12 -4.40 -23.01
N GLU B 304 -17.17 -3.97 -22.20
CA GLU B 304 -16.14 -2.99 -22.58
C GLU B 304 -16.60 -1.54 -22.43
N ARG B 305 -15.67 -0.62 -22.70
CA ARG B 305 -15.92 0.81 -22.59
C ARG B 305 -16.76 1.35 -23.73
N PRO B 306 -18.00 1.78 -23.43
CA PRO B 306 -18.90 2.33 -24.46
C PRO B 306 -18.33 3.63 -25.03
N GLU B 307 -17.13 3.99 -24.60
CA GLU B 307 -16.47 5.20 -25.05
C GLU B 307 -16.38 5.20 -26.57
N GLY B 308 -15.90 4.09 -27.12
CA GLY B 308 -15.79 3.98 -28.56
C GLY B 308 -17.14 3.64 -29.17
N LEU B 309 -17.87 2.77 -28.51
CA LEU B 309 -19.20 2.37 -28.98
C LEU B 309 -20.14 3.55 -28.87
N LYS B 310 -19.61 4.67 -28.36
CA LYS B 310 -20.37 5.90 -28.21
C LYS B 310 -20.51 6.50 -29.60
N ALA B 311 -20.57 5.63 -30.61
CA ALA B 311 -20.70 6.01 -32.01
C ALA B 311 -19.35 6.40 -32.61
N GLY B 312 -19.04 5.83 -33.77
CA GLY B 312 -17.79 6.14 -34.44
C GLY B 312 -16.83 4.98 -34.57
N ILE B 313 -15.75 5.04 -33.79
CA ILE B 313 -14.70 4.03 -33.79
C ILE B 313 -15.09 2.60 -34.16
N LEU B 314 -15.90 1.96 -33.31
CA LEU B 314 -16.29 0.57 -33.57
C LEU B 314 -17.79 0.29 -33.67
N LYS B 315 -18.08 -0.94 -34.05
CA LYS B 315 -19.45 -1.45 -34.21
C LYS B 315 -19.44 -2.93 -33.90
N LEU B 316 -20.51 -3.41 -33.28
CA LEU B 316 -20.60 -4.83 -32.92
C LEU B 316 -21.31 -5.64 -34.00
N ALA B 317 -20.76 -6.81 -34.29
CA ALA B 317 -21.32 -7.70 -35.30
C ALA B 317 -21.89 -8.96 -34.67
N GLY B 318 -21.99 -8.95 -33.34
CA GLY B 318 -22.53 -10.10 -32.63
C GLY B 318 -21.71 -11.35 -32.83
N THR B 319 -22.18 -12.45 -32.25
CA THR B 319 -21.49 -13.73 -32.35
C THR B 319 -22.19 -14.65 -33.35
N ASP B 320 -23.40 -14.28 -33.75
CA ASP B 320 -24.18 -15.07 -34.69
C ASP B 320 -23.44 -15.16 -36.04
N PRO B 321 -23.07 -16.38 -36.45
CA PRO B 321 -22.37 -16.62 -37.70
C PRO B 321 -22.94 -15.86 -38.89
N GLU B 322 -24.24 -15.99 -39.11
CA GLU B 322 -24.90 -15.30 -40.21
C GLU B 322 -24.91 -13.80 -39.95
N GLY B 323 -25.12 -13.43 -38.69
CA GLY B 323 -25.16 -12.03 -38.32
C GLY B 323 -23.86 -11.30 -38.64
N VAL B 324 -22.74 -11.93 -38.29
CA VAL B 324 -21.43 -11.35 -38.54
C VAL B 324 -21.25 -11.10 -40.04
N TYR B 325 -21.53 -12.14 -40.83
CA TYR B 325 -21.39 -12.05 -42.28
C TYR B 325 -22.14 -10.85 -42.84
N ARG B 326 -23.33 -10.58 -42.30
CA ARG B 326 -24.15 -9.47 -42.75
C ARG B 326 -23.65 -8.12 -42.25
N VAL B 327 -23.22 -8.07 -40.99
CA VAL B 327 -22.73 -6.83 -40.40
C VAL B 327 -21.52 -6.31 -41.18
N VAL B 328 -20.52 -7.18 -41.35
CA VAL B 328 -19.31 -6.83 -42.07
C VAL B 328 -19.58 -6.54 -43.54
N LYS B 329 -20.30 -7.44 -44.20
CA LYS B 329 -20.62 -7.25 -45.61
C LYS B 329 -21.40 -5.96 -45.82
N GLY B 330 -22.34 -5.70 -44.90
CA GLY B 330 -23.12 -4.49 -44.99
C GLY B 330 -22.24 -3.26 -44.91
N LEU B 331 -21.16 -3.37 -44.16
CA LEU B 331 -20.22 -2.26 -43.99
C LEU B 331 -19.35 -2.07 -45.22
N LEU B 332 -18.77 -3.16 -45.72
CA LEU B 332 -17.91 -3.09 -46.89
C LEU B 332 -18.67 -2.66 -48.14
N GLU B 333 -20.00 -2.70 -48.05
CA GLU B 333 -20.85 -2.29 -49.16
C GLU B 333 -21.39 -0.90 -48.85
N ASN B 334 -21.01 -0.39 -47.69
CA ASN B 334 -21.46 0.92 -47.25
C ASN B 334 -20.33 1.96 -47.05
N PRO B 335 -19.12 1.69 -47.59
CA PRO B 335 -18.03 2.67 -47.43
C PRO B 335 -18.43 4.10 -47.77
N GLU B 336 -18.74 4.84 -46.72
CA GLU B 336 -19.15 6.24 -46.75
C GLU B 336 -19.76 6.33 -45.35
N GLU B 337 -19.93 5.15 -44.77
CA GLU B 337 -20.43 4.94 -43.43
C GLU B 337 -19.14 4.61 -42.68
N LEU B 338 -18.21 4.04 -43.43
CA LEU B 338 -16.89 3.69 -42.91
C LEU B 338 -16.10 4.98 -42.88
N SER B 339 -16.58 5.96 -43.63
CA SER B 339 -15.95 7.27 -43.70
C SER B 339 -16.34 8.05 -42.45
N ARG B 340 -17.56 7.79 -41.98
CA ARG B 340 -18.07 8.44 -40.78
C ARG B 340 -17.34 7.91 -39.56
N MSE B 341 -16.87 6.67 -39.65
CA MSE B 341 -16.16 6.04 -38.55
C MSE B 341 -14.70 6.50 -38.46
O MSE B 341 -14.19 6.73 -37.37
CB MSE B 341 -16.22 4.51 -38.72
CG MSE B 341 -17.64 3.96 -38.74
SE MSE B 341 -17.73 2.03 -38.85
CE MSE B 341 -17.61 1.64 -36.96
N ARG B 342 -14.05 6.63 -39.61
CA ARG B 342 -12.65 7.06 -39.64
C ARG B 342 -12.48 8.49 -39.13
N LYS B 343 -13.51 9.31 -39.32
CA LYS B 343 -13.46 10.70 -38.87
C LYS B 343 -13.90 10.86 -37.42
N ALA B 344 -14.30 9.75 -36.80
CA ALA B 344 -14.75 9.77 -35.42
C ALA B 344 -13.66 10.36 -34.51
N LYS B 345 -14.07 11.15 -33.54
CA LYS B 345 -13.14 11.78 -32.61
C LYS B 345 -12.59 10.71 -31.66
N ASN B 346 -11.27 10.68 -31.52
CA ASN B 346 -10.61 9.72 -30.63
C ASN B 346 -10.84 10.14 -29.18
N PRO B 347 -11.58 9.33 -28.42
CA PRO B 347 -11.89 9.61 -27.02
C PRO B 347 -10.81 9.16 -26.04
N TYR B 348 -9.74 8.56 -26.55
CA TYR B 348 -8.67 8.06 -25.70
C TYR B 348 -7.46 8.99 -25.58
N GLY B 349 -7.33 9.92 -26.52
CA GLY B 349 -6.22 10.84 -26.49
C GLY B 349 -6.02 11.62 -27.78
N ASP B 350 -5.15 12.62 -27.73
CA ASP B 350 -4.87 13.44 -28.90
C ASP B 350 -3.53 13.11 -29.53
N GLY B 351 -2.91 12.02 -29.08
CA GLY B 351 -1.62 11.62 -29.61
C GLY B 351 -0.45 12.43 -29.07
N LYS B 352 -0.69 13.22 -28.03
CA LYS B 352 0.38 14.02 -27.45
C LYS B 352 0.53 13.75 -25.96
N ALA B 353 0.03 12.61 -25.51
CA ALA B 353 0.11 12.22 -24.11
C ALA B 353 1.56 12.07 -23.67
N GLY B 354 2.41 11.55 -24.56
CA GLY B 354 3.81 11.36 -24.23
C GLY B 354 4.48 12.68 -23.93
N LEU B 355 4.12 13.69 -24.72
CA LEU B 355 4.66 15.03 -24.55
C LEU B 355 4.21 15.60 -23.21
N MSE B 356 2.96 15.37 -22.83
CA MSE B 356 2.48 15.89 -21.56
C MSE B 356 3.18 15.24 -20.38
O MSE B 356 3.48 15.90 -19.39
CB MSE B 356 0.98 15.69 -21.40
CG MSE B 356 0.45 16.44 -20.19
SE MSE B 356 -1.46 16.46 -20.11
CE MSE B 356 -1.76 16.71 -22.03
N VAL B 357 3.44 13.94 -20.48
CA VAL B 357 4.14 13.24 -19.40
C VAL B 357 5.54 13.86 -19.26
N ALA B 358 6.24 14.01 -20.39
CA ALA B 358 7.58 14.58 -20.37
C ALA B 358 7.59 16.00 -19.79
N ARG B 359 6.59 16.81 -20.16
CA ARG B 359 6.52 18.15 -19.65
C ARG B 359 6.21 18.17 -18.16
N GLY B 360 5.43 17.17 -17.72
CA GLY B 360 5.08 17.07 -16.31
C GLY B 360 6.35 16.79 -15.51
N VAL B 361 7.19 15.92 -16.03
CA VAL B 361 8.45 15.59 -15.37
C VAL B 361 9.35 16.83 -15.36
N ALA B 362 9.44 17.51 -16.50
CA ALA B 362 10.28 18.70 -16.58
C ALA B 362 9.84 19.73 -15.55
N TRP B 363 8.53 19.82 -15.34
CA TRP B 363 7.97 20.75 -14.36
C TRP B 363 8.42 20.38 -12.96
N ARG B 364 8.34 19.10 -12.62
CA ARG B 364 8.75 18.62 -11.30
C ARG B 364 10.24 18.85 -11.08
N LEU B 365 11.02 18.86 -12.15
CA LEU B 365 12.47 19.06 -12.04
C LEU B 365 12.89 20.53 -12.18
N GLY B 366 11.91 21.42 -12.16
CA GLY B 366 12.17 22.86 -12.26
C GLY B 366 12.65 23.36 -13.62
N LEU B 367 12.39 22.60 -14.66
CA LEU B 367 12.83 22.98 -16.00
C LEU B 367 11.75 23.60 -16.87
N GLY B 368 10.51 23.55 -16.41
CA GLY B 368 9.43 24.13 -17.21
C GLY B 368 8.13 24.30 -16.45
N PRO B 369 7.09 24.84 -17.11
CA PRO B 369 5.79 25.05 -16.48
C PRO B 369 4.93 23.80 -16.47
N ARG B 370 4.00 23.77 -15.53
CA ARG B 370 3.08 22.65 -15.38
C ARG B 370 2.12 22.62 -16.55
N PRO B 371 2.05 21.49 -17.28
CA PRO B 371 1.13 21.43 -18.41
C PRO B 371 -0.30 21.31 -17.89
N GLU B 372 -1.27 21.63 -18.74
CA GLU B 372 -2.67 21.55 -18.33
C GLU B 372 -3.28 20.21 -18.74
N ASP B 373 -4.30 19.78 -18.01
CA ASP B 373 -4.97 18.52 -18.28
C ASP B 373 -5.47 18.40 -19.71
N TRP B 374 -5.42 17.18 -20.22
CA TRP B 374 -5.91 16.89 -21.56
C TRP B 374 -7.43 16.77 -21.41
N LEU B 375 -8.16 17.37 -22.34
CA LEU B 375 -9.62 17.29 -22.32
C LEU B 375 -10.11 16.58 -23.55
N PRO B 376 -10.96 15.55 -23.36
CA PRO B 376 -11.53 14.76 -24.46
C PRO B 376 -12.26 15.62 -25.48
C ACY C . -9.98 -16.14 4.52
O ACY C . -9.60 -15.90 3.18
OXT ACY C . -9.24 -16.64 5.35
CH3 ACY C . -11.40 -15.73 4.87
C1 GOL D . -2.99 3.97 26.74
O1 GOL D . -3.19 5.36 26.76
C2 GOL D . -1.51 3.68 26.87
O2 GOL D . -1.04 2.95 25.70
C3 GOL D . -1.23 2.85 28.13
O3 GOL D . 0.06 3.11 28.64
C1 GOL E . 8.46 22.05 -21.08
O1 GOL E . 7.73 22.98 -20.32
C2 GOL E . 9.24 22.80 -22.15
O2 GOL E . 8.82 22.35 -23.47
C3 GOL E . 10.76 22.54 -21.98
O3 GOL E . 11.26 23.18 -20.80
#